data_6CA6
#
_entry.id   6CA6
#
_cell.length_a   96.776
_cell.length_b   98.132
_cell.length_c   100.563
_cell.angle_alpha   90.00
_cell.angle_beta   90.00
_cell.angle_gamma   90.00
#
_symmetry.space_group_name_H-M   'P 21 21 21'
#
loop_
_entity.id
_entity.type
_entity.pdbx_description
1 polymer 'PCT64_35S light chain'
2 polymer 'PCT64_35S heavy chain'
3 non-polymer DI(HYDROXYETHYL)ETHER
4 non-polymer GLYCEROL
5 water water
#
loop_
_entity_poly.entity_id
_entity_poly.type
_entity_poly.pdbx_seq_one_letter_code
_entity_poly.pdbx_strand_id
1 'polypeptide(L)'
;EIVLTQSPGTLSLSPGDRATLSCRATQSVGGDYFAWYQQRPGQSPRLLIYGTSRRAAGIPDRFSGSGSGTDFTLTIDRLE
PEDFAVYYCRQYETSFTFGPGTKVDIKRTVAAPSVFIFPPSDEQLKSGTASVVCLLNNFYPREAKVQWKVDNALQSGNSQ
ESVTEQDSKDSTYSLSSTLTLSKADYEKHKVYACEVTHQGLSSPVTKSFNRGEC
;
L,A
2 'polypeptide(L)'
;EVQLVESGGGLVKPGGSLRLACVGSEFTFSEAWMTWVRQAPGKGLEWVGHMRPTTEGGAKDYAAAVRGRFTIARDDSKST
LYLQMNSLKIEDTGVYYCMTGVERGDFWSDD(TYS)SQHYNTYLIDVWGKGTTVTVSSASTKGPSVFPLAPSSKSTSGGT
AALGCLVKDYFPEPVTVSWNSGALTSGVHTFPAVLQSSGLYSLSSVVTVPSSSLGTQTYICNVNHKPSNTKVDKRVEPKS
CD
;
H,B
#
# COMPACT_ATOMS: atom_id res chain seq x y z
N GLU A 1 -33.89 -4.71 17.29
CA GLU A 1 -32.64 -4.82 18.04
C GLU A 1 -31.74 -5.95 17.52
N ILE A 2 -31.79 -6.20 16.21
CA ILE A 2 -30.89 -7.19 15.63
C ILE A 2 -29.45 -6.75 15.86
N VAL A 3 -28.63 -7.65 16.36
CA VAL A 3 -27.22 -7.38 16.65
C VAL A 3 -26.38 -8.11 15.61
N LEU A 4 -25.35 -7.43 15.12
CA LEU A 4 -24.42 -7.97 14.14
C LEU A 4 -23.09 -8.29 14.82
N THR A 5 -22.49 -9.41 14.43
CA THR A 5 -21.19 -9.82 14.93
C THR A 5 -20.30 -10.19 13.76
N GLN A 6 -18.99 -9.97 13.93
CA GLN A 6 -18.04 -10.26 12.87
C GLN A 6 -16.91 -11.12 13.41
N SER A 7 -16.55 -12.16 12.66
CA SER A 7 -15.46 -13.06 13.01
C SER A 7 -14.47 -13.12 11.85
N PRO A 8 -13.15 -13.02 12.13
CA PRO A 8 -12.64 -12.69 13.46
C PRO A 8 -12.50 -11.18 13.63
N GLY A 9 -11.88 -10.74 14.72
CA GLY A 9 -11.55 -9.34 14.86
C GLY A 9 -10.38 -8.94 13.99
N THR A 10 -9.35 -9.76 13.94
CA THR A 10 -8.20 -9.51 13.10
C THR A 10 -8.01 -10.73 12.21
N LEU A 11 -7.86 -10.49 10.91
CA LEU A 11 -7.64 -11.53 9.91
C LEU A 11 -6.28 -11.23 9.29
N SER A 12 -5.30 -12.10 9.56
CA SER A 12 -3.92 -11.92 9.13
C SER A 12 -3.69 -12.76 7.87
N LEU A 13 -3.41 -12.10 6.76
CA LEU A 13 -3.27 -12.77 5.48
C LEU A 13 -2.12 -12.17 4.67
N SER A 14 -1.62 -12.94 3.72
CA SER A 14 -0.59 -12.38 2.87
C SER A 14 -1.21 -11.66 1.67
N PRO A 15 -0.55 -10.63 1.17
CA PRO A 15 -0.98 -10.03 -0.10
C PRO A 15 -1.05 -11.10 -1.17
N GLY A 16 -2.18 -11.14 -1.88
CA GLY A 16 -2.43 -12.16 -2.87
C GLY A 16 -3.33 -13.29 -2.42
N ASP A 17 -3.50 -13.46 -1.10
CA ASP A 17 -4.38 -14.49 -0.57
C ASP A 17 -5.85 -14.17 -0.85
N ARG A 18 -6.69 -15.15 -0.57
CA ARG A 18 -8.13 -15.00 -0.67
C ARG A 18 -8.69 -14.79 0.74
N ALA A 19 -9.43 -13.71 0.93
CA ALA A 19 -9.99 -13.36 2.22
C ALA A 19 -11.49 -13.68 2.27
N THR A 20 -11.93 -14.21 3.41
CA THR A 20 -13.34 -14.52 3.64
C THR A 20 -13.75 -13.96 4.99
N LEU A 21 -14.66 -12.99 4.98
CA LEU A 21 -15.09 -12.27 6.17
C LEU A 21 -16.55 -12.57 6.48
N SER A 22 -16.85 -12.81 7.76
CA SER A 22 -18.16 -13.23 8.21
C SER A 22 -18.85 -12.12 8.96
N CYS A 23 -20.18 -12.09 8.82
CA CYS A 23 -21.06 -11.24 9.62
C CYS A 23 -22.32 -12.04 9.93
N ARG A 24 -22.70 -12.03 11.20
CA ARG A 24 -23.86 -12.78 11.65
C ARG A 24 -24.82 -11.82 12.33
N ALA A 25 -26.11 -12.09 12.20
CA ALA A 25 -27.19 -11.28 12.76
C ALA A 25 -28.00 -12.14 13.71
N THR A 26 -28.48 -11.54 14.82
CA THR A 26 -29.26 -12.30 15.78
C THR A 26 -30.62 -12.71 15.20
N GLN A 27 -31.12 -11.96 14.22
CA GLN A 27 -32.32 -12.34 13.49
C GLN A 27 -32.09 -12.03 12.03
N SER A 28 -32.95 -12.58 11.18
CA SER A 28 -32.75 -12.46 9.74
C SER A 28 -32.82 -11.01 9.30
N VAL A 29 -31.93 -10.66 8.39
CA VAL A 29 -31.91 -9.35 7.72
C VAL A 29 -32.22 -9.61 6.26
N GLY A 30 -33.22 -8.91 5.73
CA GLY A 30 -33.58 -9.09 4.33
C GLY A 30 -32.43 -8.77 3.41
N GLY A 31 -32.39 -9.50 2.28
CA GLY A 31 -31.27 -9.39 1.36
C GLY A 31 -31.06 -8.00 0.80
N ASP A 32 -32.12 -7.22 0.63
CA ASP A 32 -31.99 -5.88 0.11
C ASP A 32 -31.54 -4.87 1.15
N TYR A 33 -31.21 -5.29 2.37
CA TYR A 33 -30.91 -4.36 3.45
C TYR A 33 -29.60 -4.71 4.16
N PHE A 34 -28.65 -5.29 3.43
CA PHE A 34 -27.35 -5.66 4.00
C PHE A 34 -26.26 -5.06 3.13
N ALA A 35 -25.19 -4.57 3.77
CA ALA A 35 -24.10 -3.90 3.06
C ALA A 35 -22.76 -4.18 3.73
N TRP A 36 -21.69 -4.03 2.95
CA TRP A 36 -20.32 -4.14 3.42
C TRP A 36 -19.57 -2.83 3.16
N TYR A 37 -18.80 -2.40 4.16
CA TYR A 37 -18.06 -1.15 4.08
C TYR A 37 -16.58 -1.41 4.34
N GLN A 38 -15.75 -0.50 3.85
CA GLN A 38 -14.32 -0.50 4.08
C GLN A 38 -13.93 0.86 4.67
N GLN A 39 -13.01 0.83 5.64
CA GLN A 39 -12.48 2.08 6.18
C GLN A 39 -10.99 1.92 6.43
N ARG A 40 -10.21 2.89 5.96
CA ARG A 40 -8.79 2.95 6.22
C ARG A 40 -8.51 4.09 7.20
N PRO A 41 -7.39 4.04 7.92
CA PRO A 41 -7.11 5.07 8.94
C PRO A 41 -7.16 6.48 8.36
N GLY A 42 -7.85 7.37 9.08
CA GLY A 42 -7.97 8.77 8.71
C GLY A 42 -8.92 9.07 7.57
N GLN A 43 -9.72 8.11 7.12
CA GLN A 43 -10.56 8.30 5.96
C GLN A 43 -12.00 7.94 6.27
N SER A 44 -12.90 8.42 5.46
CA SER A 44 -14.30 8.05 5.64
C SER A 44 -14.54 6.63 5.14
N PRO A 45 -15.58 5.97 5.66
CA PRO A 45 -15.95 4.65 5.16
C PRO A 45 -16.36 4.70 3.69
N ARG A 46 -16.18 3.57 3.01
CA ARG A 46 -16.46 3.42 1.58
C ARG A 46 -17.34 2.19 1.37
N LEU A 47 -18.46 2.38 0.69
CA LEU A 47 -19.33 1.26 0.39
C LEU A 47 -18.69 0.34 -0.65
N LEU A 48 -18.68 -0.95 -0.37
CA LEU A 48 -18.20 -1.96 -1.31
C LEU A 48 -19.37 -2.71 -1.95
N ILE A 49 -20.24 -3.29 -1.12
CA ILE A 49 -21.37 -4.11 -1.55
C ILE A 49 -22.62 -3.59 -0.84
N TYR A 50 -23.72 -3.50 -1.59
CA TYR A 50 -25.02 -3.16 -1.02
C TYR A 50 -26.04 -4.18 -1.52
N GLY A 51 -27.16 -4.25 -0.82
CA GLY A 51 -28.17 -5.26 -1.16
C GLY A 51 -27.60 -6.66 -1.20
N THR A 52 -26.80 -7.02 -0.20
CA THR A 52 -26.15 -8.32 -0.05
C THR A 52 -25.06 -8.59 -1.08
N SER A 53 -25.38 -8.46 -2.37
CA SER A 53 -24.50 -8.93 -3.43
C SER A 53 -24.22 -7.95 -4.55
N ARG A 54 -24.76 -6.72 -4.50
CA ARG A 54 -24.55 -5.74 -5.56
C ARG A 54 -23.26 -4.98 -5.30
N ARG A 55 -22.34 -5.04 -6.25
CA ARG A 55 -21.13 -4.24 -6.17
C ARG A 55 -21.46 -2.78 -6.46
N ALA A 56 -20.91 -1.89 -5.65
CA ALA A 56 -21.05 -0.47 -5.89
C ALA A 56 -20.21 -0.07 -7.09
N ALA A 57 -20.72 0.91 -7.85
CA ALA A 57 -19.96 1.44 -8.97
C ALA A 57 -18.60 1.93 -8.47
N GLY A 58 -17.57 1.64 -9.25
CA GLY A 58 -16.22 2.04 -8.91
C GLY A 58 -15.48 1.09 -8.00
N ILE A 59 -16.09 -0.03 -7.63
CA ILE A 59 -15.47 -0.98 -6.72
C ILE A 59 -14.90 -2.13 -7.56
N PRO A 60 -13.65 -2.54 -7.36
CA PRO A 60 -13.07 -3.61 -8.18
C PRO A 60 -13.89 -4.89 -8.05
N ASP A 61 -13.88 -5.70 -9.11
CA ASP A 61 -14.73 -6.89 -9.12
C ASP A 61 -14.19 -8.02 -8.26
N ARG A 62 -12.98 -7.89 -7.69
CA ARG A 62 -12.50 -8.90 -6.74
C ARG A 62 -13.28 -8.87 -5.44
N PHE A 63 -14.05 -7.83 -5.17
CA PHE A 63 -14.93 -7.79 -4.01
C PHE A 63 -16.27 -8.42 -4.35
N SER A 64 -16.79 -9.21 -3.42
CA SER A 64 -17.97 -10.01 -3.68
C SER A 64 -18.73 -10.24 -2.38
N GLY A 65 -20.06 -10.11 -2.46
CA GLY A 65 -20.92 -10.28 -1.30
C GLY A 65 -21.89 -11.44 -1.47
N SER A 66 -22.13 -12.17 -0.40
CA SER A 66 -22.99 -13.34 -0.46
C SER A 66 -23.67 -13.53 0.88
N GLY A 67 -24.63 -14.45 0.92
CA GLY A 67 -25.29 -14.81 2.15
C GLY A 67 -26.78 -14.53 2.10
N SER A 68 -27.44 -14.88 3.21
CA SER A 68 -28.87 -14.69 3.38
C SER A 68 -29.25 -14.99 4.82
N GLY A 69 -30.42 -14.50 5.22
CA GLY A 69 -30.91 -14.75 6.56
C GLY A 69 -30.05 -14.11 7.64
N THR A 70 -29.31 -14.93 8.39
CA THR A 70 -28.44 -14.43 9.44
C THR A 70 -26.95 -14.64 9.16
N ASP A 71 -26.59 -15.18 8.01
CA ASP A 71 -25.21 -15.51 7.68
C ASP A 71 -24.81 -14.77 6.41
N PHE A 72 -23.78 -13.94 6.49
CA PHE A 72 -23.33 -13.14 5.35
C PHE A 72 -21.81 -13.21 5.24
N THR A 73 -21.32 -13.05 4.01
CA THR A 73 -19.92 -13.29 3.70
C THR A 73 -19.43 -12.28 2.69
N LEU A 74 -18.28 -11.68 2.98
CA LEU A 74 -17.55 -10.84 2.03
C LEU A 74 -16.27 -11.55 1.61
N THR A 75 -16.04 -11.63 0.31
CA THR A 75 -14.90 -12.31 -0.25
C THR A 75 -14.06 -11.34 -1.06
N ILE A 76 -12.75 -11.41 -0.89
CA ILE A 76 -11.78 -10.63 -1.64
C ILE A 76 -10.88 -11.63 -2.36
N ASP A 77 -10.97 -11.67 -3.70
CA ASP A 77 -10.31 -12.71 -4.48
C ASP A 77 -8.81 -12.75 -4.22
N ARG A 78 -8.13 -11.62 -4.44
CA ARG A 78 -6.71 -11.48 -4.21
C ARG A 78 -6.47 -10.19 -3.47
N LEU A 79 -5.92 -10.27 -2.27
CA LEU A 79 -5.71 -9.09 -1.46
C LEU A 79 -4.63 -8.22 -2.09
N GLU A 80 -5.02 -7.01 -2.52
CA GLU A 80 -4.09 -5.99 -2.95
C GLU A 80 -3.64 -5.15 -1.76
N PRO A 81 -2.52 -4.42 -1.88
CA PRO A 81 -2.03 -3.65 -0.73
C PRO A 81 -3.07 -2.72 -0.11
N GLU A 82 -3.92 -2.11 -0.94
CA GLU A 82 -4.92 -1.19 -0.42
C GLU A 82 -6.08 -1.89 0.28
N ASP A 83 -6.12 -3.22 0.25
CA ASP A 83 -7.20 -3.99 0.86
C ASP A 83 -6.98 -4.28 2.34
N PHE A 84 -5.79 -4.03 2.87
CA PHE A 84 -5.56 -4.31 4.29
C PHE A 84 -6.12 -3.14 5.09
N ALA A 85 -7.30 -3.34 5.66
CA ALA A 85 -8.07 -2.27 6.28
C ALA A 85 -9.15 -2.92 7.14
N VAL A 86 -10.08 -2.10 7.64
CA VAL A 86 -11.19 -2.58 8.46
C VAL A 86 -12.42 -2.70 7.58
N TYR A 87 -13.20 -3.75 7.81
CA TYR A 87 -14.41 -4.03 7.06
C TYR A 87 -15.58 -4.14 8.04
N TYR A 88 -16.68 -3.43 7.72
CA TYR A 88 -17.87 -3.41 8.54
C TYR A 88 -19.04 -3.91 7.73
N CYS A 89 -19.81 -4.82 8.30
CA CYS A 89 -21.13 -5.08 7.73
C CYS A 89 -22.11 -4.08 8.31
N ARG A 90 -23.25 -3.97 7.65
CA ARG A 90 -24.27 -3.03 8.07
C ARG A 90 -25.65 -3.52 7.62
N GLN A 91 -26.63 -3.35 8.50
CA GLN A 91 -28.01 -3.69 8.21
C GLN A 91 -28.83 -2.42 8.15
N TYR A 92 -29.90 -2.45 7.35
CA TYR A 92 -30.76 -1.27 7.29
C TYR A 92 -32.20 -1.64 6.89
N GLU A 93 -32.78 -2.65 7.54
CA GLU A 93 -34.18 -2.97 7.33
C GLU A 93 -35.03 -2.47 8.50
N THR A 94 -35.01 -3.20 9.63
CA THR A 94 -35.67 -2.74 10.84
C THR A 94 -34.72 -2.34 11.95
N SER A 95 -33.46 -2.81 11.92
CA SER A 95 -32.38 -2.34 12.78
C SER A 95 -31.31 -1.72 11.88
N PHE A 96 -30.50 -0.82 12.44
CA PHE A 96 -29.68 0.00 11.56
C PHE A 96 -28.23 0.09 12.00
N THR A 97 -27.71 -0.93 12.67
CA THR A 97 -26.37 -0.87 13.23
C THR A 97 -25.29 -1.33 12.23
N PHE A 98 -24.04 -1.08 12.61
CA PHE A 98 -22.88 -1.65 11.93
C PHE A 98 -22.37 -2.83 12.74
N GLY A 99 -21.67 -3.73 12.06
CA GLY A 99 -20.97 -4.78 12.75
C GLY A 99 -19.79 -4.20 13.50
N PRO A 100 -19.22 -4.97 14.42
CA PRO A 100 -18.09 -4.46 15.20
C PRO A 100 -16.84 -4.22 14.36
N GLY A 101 -16.72 -4.85 13.19
CA GLY A 101 -15.59 -4.64 12.31
C GLY A 101 -14.55 -5.74 12.36
N THR A 102 -13.97 -6.04 11.19
CA THR A 102 -12.89 -7.00 11.05
C THR A 102 -11.70 -6.29 10.42
N LYS A 103 -10.54 -6.39 11.05
CA LYS A 103 -9.31 -5.80 10.56
C LYS A 103 -8.54 -6.86 9.78
N VAL A 104 -8.16 -6.53 8.55
CA VAL A 104 -7.33 -7.39 7.73
C VAL A 104 -5.92 -6.80 7.75
N ASP A 105 -4.98 -7.48 8.40
CA ASP A 105 -3.60 -7.01 8.35
C ASP A 105 -2.72 -8.00 7.59
N ILE A 106 -1.47 -7.61 7.38
CA ILE A 106 -0.54 -8.39 6.58
C ILE A 106 0.08 -9.47 7.45
N LYS A 107 -0.09 -10.72 7.05
CA LYS A 107 0.59 -11.86 7.69
C LYS A 107 2.06 -11.82 7.31
N ARG A 108 2.90 -11.54 8.29
CA ARG A 108 4.33 -11.34 8.16
C ARG A 108 5.04 -12.49 8.87
N THR A 109 6.34 -12.64 8.62
CA THR A 109 7.13 -13.56 9.42
C THR A 109 7.23 -13.05 10.86
N VAL A 110 7.35 -14.00 11.80
CA VAL A 110 7.44 -13.64 13.22
C VAL A 110 8.66 -12.79 13.46
N ALA A 111 8.48 -11.70 14.21
CA ALA A 111 9.57 -10.80 14.57
C ALA A 111 9.50 -10.54 16.06
N ALA A 112 10.56 -10.88 16.78
CA ALA A 112 10.61 -10.58 18.19
C ALA A 112 10.78 -9.08 18.39
N PRO A 113 10.24 -8.54 19.49
CA PRO A 113 10.39 -7.10 19.74
C PRO A 113 11.76 -6.75 20.29
N SER A 114 12.22 -5.56 19.93
CA SER A 114 13.33 -4.91 20.61
C SER A 114 12.78 -4.16 21.81
N VAL A 115 13.31 -4.46 23.00
CA VAL A 115 12.78 -3.93 24.25
C VAL A 115 13.75 -2.89 24.80
N PHE A 116 13.22 -1.72 25.14
CA PHE A 116 13.98 -0.66 25.78
C PHE A 116 13.18 -0.10 26.96
N ILE A 117 13.90 0.32 28.01
CA ILE A 117 13.27 0.91 29.19
C ILE A 117 13.90 2.28 29.44
N PHE A 118 13.06 3.24 29.85
CA PHE A 118 13.49 4.62 30.03
C PHE A 118 13.10 5.08 31.43
N PRO A 119 14.06 5.50 32.25
CA PRO A 119 13.72 6.06 33.59
C PRO A 119 13.04 7.42 33.46
N PRO A 120 12.41 7.90 34.52
CA PRO A 120 11.84 9.26 34.47
C PRO A 120 12.96 10.28 34.39
N SER A 121 12.66 11.38 33.73
CA SER A 121 13.65 12.44 33.58
C SER A 121 13.79 13.21 34.89
N ASP A 122 14.94 13.86 35.07
CA ASP A 122 15.13 14.72 36.23
C ASP A 122 14.18 15.92 36.20
N GLU A 123 13.88 16.43 35.00
CA GLU A 123 12.93 17.53 34.88
C GLU A 123 11.55 17.13 35.38
N GLN A 124 11.08 15.93 35.00
CA GLN A 124 9.78 15.47 35.47
C GLN A 124 9.79 15.18 36.96
N LEU A 125 10.92 14.67 37.48
CA LEU A 125 10.97 14.28 38.88
C LEU A 125 10.74 15.48 39.78
N LYS A 126 11.40 16.60 39.50
CA LYS A 126 11.20 17.78 40.34
C LYS A 126 9.82 18.39 40.22
N SER A 127 8.94 17.83 39.40
CA SER A 127 7.54 18.23 39.34
C SER A 127 6.65 17.33 40.20
N GLY A 128 7.20 16.27 40.80
CA GLY A 128 6.46 15.42 41.70
C GLY A 128 5.90 14.13 41.11
N THR A 129 6.13 13.87 39.83
CA THR A 129 5.59 12.70 39.17
C THR A 129 6.74 11.96 38.47
N ALA A 130 6.61 10.64 38.37
CA ALA A 130 7.60 9.79 37.72
C ALA A 130 6.89 8.84 36.77
N SER A 131 7.17 8.95 35.48
CA SER A 131 6.67 8.00 34.49
C SER A 131 7.86 7.27 33.88
N VAL A 132 7.82 5.94 33.93
CA VAL A 132 8.85 5.10 33.36
C VAL A 132 8.26 4.38 32.16
N VAL A 133 8.98 4.39 31.05
CA VAL A 133 8.45 4.00 29.75
C VAL A 133 9.16 2.74 29.28
N CYS A 134 8.38 1.80 28.75
CA CYS A 134 8.93 0.60 28.14
C CYS A 134 8.49 0.56 26.69
N LEU A 135 9.45 0.37 25.79
CA LEU A 135 9.21 0.36 24.35
C LEU A 135 9.43 -1.04 23.82
N LEU A 136 8.40 -1.61 23.17
CA LEU A 136 8.54 -2.85 22.41
C LEU A 136 8.45 -2.44 20.96
N ASN A 137 9.54 -2.64 20.23
CA ASN A 137 9.76 -2.04 18.92
C ASN A 137 9.76 -3.10 17.82
N ASN A 138 8.89 -2.92 16.83
CA ASN A 138 8.94 -3.63 15.54
C ASN A 138 8.86 -5.15 15.71
N PHE A 139 7.70 -5.60 16.19
CA PHE A 139 7.46 -7.01 16.41
C PHE A 139 6.24 -7.46 15.61
N TYR A 140 6.13 -8.77 15.42
CA TYR A 140 4.96 -9.35 14.77
C TYR A 140 4.85 -10.79 15.20
N PRO A 141 3.64 -11.31 15.49
CA PRO A 141 2.32 -10.66 15.43
C PRO A 141 2.07 -9.63 16.54
N ARG A 142 0.86 -9.04 16.53
CA ARG A 142 0.51 -7.90 17.37
C ARG A 142 0.46 -8.25 18.86
N GLU A 143 0.17 -9.51 19.18
CA GLU A 143 0.02 -9.92 20.58
C GLU A 143 1.35 -9.79 21.30
N ALA A 144 1.36 -9.04 22.41
CA ALA A 144 2.54 -8.89 23.25
C ALA A 144 2.06 -8.71 24.68
N LYS A 145 2.89 -9.06 25.65
CA LYS A 145 2.54 -8.90 27.06
C LYS A 145 3.66 -8.17 27.78
N VAL A 146 3.35 -7.02 28.35
CA VAL A 146 4.29 -6.25 29.15
C VAL A 146 3.87 -6.36 30.59
N GLN A 147 4.82 -6.65 31.47
CA GLN A 147 4.55 -6.69 32.90
C GLN A 147 5.60 -5.85 33.61
N TRP A 148 5.14 -4.95 34.47
CA TRP A 148 6.04 -4.16 35.29
C TRP A 148 6.27 -4.86 36.63
N LYS A 149 7.53 -4.95 37.03
CA LYS A 149 7.96 -5.51 38.30
C LYS A 149 8.91 -4.52 38.93
N VAL A 150 8.52 -4.03 40.10
CA VAL A 150 9.30 -3.06 40.85
C VAL A 150 9.83 -3.79 42.08
N ASP A 151 11.16 -3.90 42.19
CA ASP A 151 11.77 -4.70 43.24
C ASP A 151 11.08 -6.05 43.37
N ASN A 152 10.94 -6.71 42.22
CA ASN A 152 10.36 -8.03 42.06
C ASN A 152 8.88 -8.08 42.42
N ALA A 153 8.19 -6.95 42.51
CA ALA A 153 6.77 -6.93 42.85
C ALA A 153 5.96 -6.58 41.61
N LEU A 154 4.99 -7.42 41.30
CA LEU A 154 4.19 -7.22 40.09
C LEU A 154 3.26 -6.02 40.29
N GLN A 155 3.26 -5.12 39.31
CA GLN A 155 2.41 -3.95 39.37
C GLN A 155 1.10 -4.22 38.65
N SER A 156 0.05 -3.51 39.07
CA SER A 156 -1.20 -3.57 38.34
C SER A 156 -2.01 -2.34 38.68
N GLY A 157 -2.62 -1.74 37.67
CA GLY A 157 -3.46 -0.59 37.84
C GLY A 157 -2.76 0.75 37.72
N ASN A 158 -1.44 0.77 37.52
CA ASN A 158 -0.69 2.03 37.43
C ASN A 158 0.07 2.15 36.11
N SER A 159 -0.40 1.52 35.05
CA SER A 159 0.25 1.64 33.74
C SER A 159 -0.79 1.69 32.65
N GLN A 160 -0.39 2.29 31.51
CA GLN A 160 -1.21 2.39 30.31
C GLN A 160 -0.37 2.03 29.09
N GLU A 161 -1.01 1.39 28.12
CA GLU A 161 -0.36 0.90 26.93
C GLU A 161 -0.89 1.62 25.70
N SER A 162 -0.04 1.71 24.68
CA SER A 162 -0.43 2.23 23.38
C SER A 162 0.27 1.41 22.30
N VAL A 163 -0.49 1.02 21.29
CA VAL A 163 -0.01 0.20 20.20
C VAL A 163 -0.21 0.96 18.89
N THR A 164 0.82 0.97 18.06
CA THR A 164 0.66 1.58 16.75
C THR A 164 -0.19 0.71 15.84
N GLU A 165 -0.74 1.34 14.81
CA GLU A 165 -1.29 0.59 13.69
C GLU A 165 -0.16 -0.18 13.03
N GLN A 166 -0.51 -1.24 12.29
CA GLN A 166 0.51 -2.01 11.61
C GLN A 166 1.35 -1.10 10.73
N ASP A 167 2.67 -1.20 10.88
CA ASP A 167 3.57 -0.31 10.16
C ASP A 167 3.43 -0.52 8.66
N SER A 168 3.32 0.57 7.91
CA SER A 168 3.12 0.50 6.47
C SER A 168 4.39 0.12 5.71
N LYS A 169 5.54 0.07 6.39
CA LYS A 169 6.81 -0.20 5.74
C LYS A 169 7.27 -1.64 5.91
N ASP A 170 7.28 -2.15 7.14
CA ASP A 170 7.74 -3.49 7.42
C ASP A 170 6.66 -4.38 8.05
N SER A 171 5.43 -3.88 8.13
CA SER A 171 4.28 -4.63 8.65
C SER A 171 4.46 -5.11 10.09
N THR A 172 5.22 -4.39 10.90
CA THR A 172 5.30 -4.70 12.32
C THR A 172 4.39 -3.77 13.11
N TYR A 173 4.24 -4.08 14.39
CA TYR A 173 3.62 -3.22 15.37
C TYR A 173 4.67 -2.77 16.39
N SER A 174 4.38 -1.67 17.08
CA SER A 174 5.20 -1.23 18.21
C SER A 174 4.29 -0.89 19.38
N LEU A 175 4.83 -0.98 20.58
CA LEU A 175 4.03 -0.79 21.79
C LEU A 175 4.83 0.00 22.82
N SER A 176 4.18 0.97 23.45
CA SER A 176 4.77 1.68 24.58
C SER A 176 3.91 1.44 25.81
N SER A 177 4.56 1.06 26.90
CA SER A 177 3.91 0.94 28.21
C SER A 177 4.47 1.98 29.16
N THR A 178 3.59 2.75 29.78
CA THR A 178 3.98 3.82 30.69
C THR A 178 3.49 3.50 32.11
N LEU A 179 4.43 3.29 33.01
CA LEU A 179 4.17 3.12 34.44
C LEU A 179 4.35 4.47 35.12
N THR A 180 3.29 4.96 35.77
CA THR A 180 3.26 6.28 36.39
C THR A 180 3.17 6.15 37.90
N LEU A 181 4.09 6.82 38.61
CA LEU A 181 4.12 6.83 40.06
C LEU A 181 4.44 8.24 40.54
N SER A 182 4.14 8.49 41.81
CA SER A 182 4.56 9.74 42.42
C SER A 182 6.04 9.68 42.75
N LYS A 183 6.62 10.85 43.05
CA LYS A 183 8.01 10.91 43.53
C LYS A 183 8.20 9.99 44.74
N ALA A 184 7.28 10.07 45.70
CA ALA A 184 7.43 9.31 46.94
C ALA A 184 7.54 7.82 46.66
N ASP A 185 6.59 7.27 45.90
CA ASP A 185 6.65 5.84 45.59
C ASP A 185 7.86 5.50 44.75
N TYR A 186 8.27 6.40 43.84
CA TYR A 186 9.39 6.08 42.95
C TYR A 186 10.71 6.05 43.71
N GLU A 187 10.90 6.99 44.63
CA GLU A 187 12.13 7.06 45.42
C GLU A 187 12.22 5.96 46.46
N LYS A 188 11.09 5.30 46.75
CA LYS A 188 11.06 4.18 47.68
C LYS A 188 11.71 2.91 47.15
N HIS A 189 11.82 2.74 45.82
CA HIS A 189 12.27 1.48 45.26
C HIS A 189 13.50 1.63 44.37
N LYS A 190 14.12 0.49 44.08
CA LYS A 190 15.42 0.45 43.41
C LYS A 190 15.37 -0.17 42.03
N VAL A 191 14.86 -1.39 41.88
CA VAL A 191 14.89 -2.11 40.62
C VAL A 191 13.54 -1.93 39.91
N TYR A 192 13.58 -1.35 38.71
CA TYR A 192 12.38 -1.14 37.89
C TYR A 192 12.58 -1.97 36.64
N ALA A 193 11.75 -2.99 36.47
CA ALA A 193 11.93 -3.97 35.40
C ALA A 193 10.71 -4.03 34.50
N CYS A 194 10.96 -4.13 33.20
CA CYS A 194 9.93 -4.33 32.18
C CYS A 194 10.11 -5.74 31.61
N GLU A 195 9.17 -6.63 31.90
CA GLU A 195 9.24 -8.02 31.48
C GLU A 195 8.28 -8.27 30.31
N VAL A 196 8.83 -8.79 29.20
CA VAL A 196 8.13 -8.90 27.93
C VAL A 196 8.07 -10.36 27.48
N THR A 197 6.88 -10.81 27.08
CA THR A 197 6.68 -12.11 26.45
C THR A 197 6.02 -11.90 25.11
N HIS A 198 6.54 -12.58 24.09
CA HIS A 198 6.06 -12.48 22.71
C HIS A 198 6.34 -13.79 22.01
N GLN A 199 5.50 -14.11 21.01
CA GLN A 199 5.63 -15.38 20.31
C GLN A 199 7.03 -15.58 19.74
N GLY A 200 7.71 -14.50 19.36
CA GLY A 200 9.05 -14.61 18.83
C GLY A 200 10.14 -14.69 19.87
N LEU A 201 9.78 -14.71 21.16
CA LEU A 201 10.73 -14.80 22.26
C LEU A 201 10.61 -16.17 22.91
N SER A 202 11.70 -16.95 22.86
CA SER A 202 11.71 -18.27 23.49
C SER A 202 11.49 -18.18 25.00
N SER A 203 11.91 -17.10 25.62
CA SER A 203 11.73 -16.89 27.05
C SER A 203 11.43 -15.43 27.31
N PRO A 204 10.83 -15.09 28.45
CA PRO A 204 10.57 -13.69 28.78
C PRO A 204 11.84 -12.84 28.80
N VAL A 205 11.73 -11.63 28.26
CA VAL A 205 12.83 -10.69 28.17
C VAL A 205 12.56 -9.55 29.15
N THR A 206 13.57 -9.24 29.97
CA THR A 206 13.48 -8.19 30.98
C THR A 206 14.49 -7.09 30.67
N LYS A 207 14.02 -5.85 30.67
CA LYS A 207 14.88 -4.68 30.62
C LYS A 207 14.63 -3.88 31.88
N SER A 208 15.69 -3.61 32.63
CA SER A 208 15.53 -2.96 33.93
C SER A 208 16.60 -1.88 34.11
N PHE A 209 16.38 -1.05 35.12
CA PHE A 209 17.37 -0.07 35.56
C PHE A 209 17.26 0.07 37.07
N ASN A 210 18.31 0.63 37.66
CA ASN A 210 18.35 0.98 39.07
C ASN A 210 18.24 2.48 39.22
N ARG A 211 17.39 2.92 40.15
CA ARG A 211 17.04 4.34 40.26
C ARG A 211 18.27 5.23 40.41
N GLY A 212 19.26 4.80 41.20
CA GLY A 212 20.42 5.65 41.40
C GLY A 212 21.20 5.96 40.12
N GLU A 213 21.32 4.99 39.22
CA GLU A 213 22.28 5.06 38.12
C GLU A 213 21.70 5.20 36.72
N GLU B 1 -19.81 16.40 -8.72
CA GLU B 1 -19.62 15.27 -7.84
C GLU B 1 -20.45 15.48 -6.58
N VAL B 2 -21.28 14.49 -6.25
CA VAL B 2 -22.07 14.55 -5.03
C VAL B 2 -21.14 14.61 -3.83
N GLN B 3 -21.47 15.46 -2.87
CA GLN B 3 -20.66 15.54 -1.67
C GLN B 3 -21.51 16.00 -0.49
N LEU B 4 -20.97 15.78 0.69
CA LEU B 4 -21.55 16.15 1.97
C LEU B 4 -20.47 16.84 2.79
N VAL B 5 -20.81 17.88 3.53
CA VAL B 5 -19.86 18.60 4.35
C VAL B 5 -20.45 18.79 5.74
N GLU B 6 -19.75 18.31 6.76
CA GLU B 6 -20.19 18.49 8.11
C GLU B 6 -19.52 19.69 8.73
N SER B 7 -20.17 20.28 9.71
CA SER B 7 -19.62 21.39 10.45
C SER B 7 -20.36 21.48 11.77
N GLY B 8 -19.79 22.28 12.68
CA GLY B 8 -20.35 22.48 14.00
C GLY B 8 -19.61 21.79 15.13
N GLY B 9 -18.74 20.82 14.82
CA GLY B 9 -18.02 20.13 15.87
C GLY B 9 -17.11 21.05 16.64
N GLY B 10 -16.86 20.70 17.90
CA GLY B 10 -16.04 21.55 18.73
C GLY B 10 -15.90 20.98 20.13
N LEU B 11 -15.26 21.76 20.98
CA LEU B 11 -15.00 21.36 22.36
C LEU B 11 -16.11 21.88 23.27
N VAL B 12 -16.72 20.97 24.02
CA VAL B 12 -17.88 21.31 24.83
C VAL B 12 -17.77 20.57 26.16
N LYS B 13 -18.32 21.17 27.22
CA LYS B 13 -18.29 20.56 28.54
C LYS B 13 -19.43 19.56 28.72
N PRO B 14 -19.26 18.58 29.61
CA PRO B 14 -20.34 17.61 29.85
C PRO B 14 -21.63 18.32 30.24
N GLY B 15 -22.73 17.88 29.63
CA GLY B 15 -24.00 18.55 29.84
C GLY B 15 -24.23 19.74 28.96
N GLY B 16 -23.23 20.18 28.20
CA GLY B 16 -23.42 21.24 27.24
C GLY B 16 -24.12 20.75 25.98
N SER B 17 -24.30 21.68 25.04
CA SER B 17 -25.04 21.46 23.82
C SER B 17 -24.19 21.83 22.61
N LEU B 18 -24.59 21.30 21.46
CA LEU B 18 -23.88 21.50 20.22
C LEU B 18 -24.81 21.12 19.08
N ARG B 19 -24.77 21.89 18.00
CA ARG B 19 -25.59 21.62 16.82
C ARG B 19 -24.68 21.38 15.64
N LEU B 20 -24.83 20.22 15.01
CA LEU B 20 -24.04 19.88 13.83
C LEU B 20 -24.89 20.13 12.59
N ALA B 21 -24.23 20.52 11.51
CA ALA B 21 -24.89 20.76 10.22
C ALA B 21 -24.21 19.91 9.17
N CYS B 22 -24.97 19.54 8.14
CA CYS B 22 -24.46 18.75 7.05
C CYS B 22 -25.07 19.24 5.75
N VAL B 23 -24.25 19.79 4.86
CA VAL B 23 -24.73 20.37 3.62
C VAL B 23 -24.43 19.42 2.47
N GLY B 24 -25.48 19.04 1.74
CA GLY B 24 -25.34 18.17 0.59
C GLY B 24 -25.32 18.96 -0.69
N SER B 25 -24.87 18.31 -1.76
CA SER B 25 -24.85 18.96 -3.06
C SER B 25 -24.90 17.89 -4.16
N GLU B 26 -25.60 18.22 -5.24
CA GLU B 26 -25.69 17.41 -6.45
C GLU B 26 -26.55 16.17 -6.27
N PHE B 27 -27.58 16.27 -5.44
CA PHE B 27 -28.64 15.27 -5.36
C PHE B 27 -29.91 15.95 -4.88
N THR B 28 -31.05 15.36 -5.21
CA THR B 28 -32.34 15.92 -4.80
C THR B 28 -32.47 15.73 -3.29
N PHE B 29 -32.16 16.78 -2.51
CA PHE B 29 -32.05 16.62 -1.06
C PHE B 29 -33.34 16.13 -0.43
N SER B 30 -34.49 16.57 -0.95
CA SER B 30 -35.78 16.21 -0.36
C SER B 30 -36.05 14.71 -0.45
N GLU B 31 -35.40 14.02 -1.37
CA GLU B 31 -35.61 12.59 -1.56
C GLU B 31 -34.52 11.75 -0.90
N ALA B 32 -33.58 12.35 -0.21
CA ALA B 32 -32.47 11.61 0.36
C ALA B 32 -32.82 11.14 1.77
N TRP B 33 -32.48 9.89 2.04
CA TRP B 33 -32.57 9.27 3.35
C TRP B 33 -31.25 9.53 4.07
N MET B 34 -31.26 10.48 5.00
CA MET B 34 -30.07 10.92 5.72
C MET B 34 -29.73 10.22 7.02
N THR B 35 -28.45 9.95 7.21
CA THR B 35 -27.95 9.24 8.38
C THR B 35 -26.74 9.89 9.06
N TRP B 36 -26.74 9.88 10.39
CA TRP B 36 -25.64 10.36 11.18
C TRP B 36 -24.95 9.13 11.78
N VAL B 37 -23.63 9.04 11.60
CA VAL B 37 -22.81 7.96 12.11
C VAL B 37 -21.68 8.59 12.91
N ARG B 38 -21.27 7.96 14.00
CA ARG B 38 -20.16 8.50 14.78
C ARG B 38 -19.10 7.42 15.01
N GLN B 39 -17.91 7.87 15.40
CA GLN B 39 -16.78 6.97 15.62
C GLN B 39 -15.91 7.54 16.74
N ALA B 40 -15.88 6.85 17.88
CA ALA B 40 -15.00 7.23 18.99
C ALA B 40 -13.55 6.93 18.64
N PRO B 41 -12.59 7.59 19.31
CA PRO B 41 -11.17 7.36 19.02
C PRO B 41 -10.81 5.89 19.12
N GLY B 42 -10.26 5.35 18.03
CA GLY B 42 -9.86 3.96 18.00
C GLY B 42 -10.98 2.94 18.05
N LYS B 43 -12.23 3.36 17.85
CA LYS B 43 -13.35 2.44 17.92
C LYS B 43 -14.08 2.35 16.56
N GLY B 44 -15.12 1.52 16.53
CA GLY B 44 -15.82 1.23 15.31
C GLY B 44 -16.90 2.26 15.00
N LEU B 45 -17.58 2.02 13.88
CA LEU B 45 -18.67 2.89 13.44
C LEU B 45 -19.92 2.63 14.26
N GLU B 46 -20.57 3.69 14.70
CA GLU B 46 -21.79 3.59 15.50
C GLU B 46 -22.89 4.40 14.85
N TRP B 47 -24.01 3.74 14.54
CA TRP B 47 -25.16 4.42 14.00
C TRP B 47 -25.79 5.30 15.06
N VAL B 48 -26.00 6.58 14.74
CA VAL B 48 -26.56 7.54 15.68
C VAL B 48 -28.06 7.73 15.47
N GLY B 49 -28.48 7.84 14.21
CA GLY B 49 -29.86 8.11 13.89
C GLY B 49 -29.98 8.52 12.44
N HIS B 50 -31.23 8.59 11.98
CA HIS B 50 -31.45 8.96 10.59
C HIS B 50 -32.78 9.70 10.47
N MET B 51 -33.02 10.24 9.28
CA MET B 51 -34.31 10.84 8.96
C MET B 51 -34.68 10.43 7.53
N ARG B 52 -35.85 9.80 7.38
CA ARG B 52 -36.32 9.34 6.07
C ARG B 52 -36.54 10.54 5.15
N PRO B 53 -36.58 10.30 3.83
CA PRO B 53 -36.83 11.42 2.90
C PRO B 53 -38.11 12.16 3.24
N THR B 54 -38.08 13.47 3.04
CA THR B 54 -39.28 14.28 3.23
C THR B 54 -40.43 13.74 2.39
N THR B 55 -40.14 13.26 1.18
CA THR B 55 -41.16 12.75 0.29
C THR B 55 -41.79 11.45 0.80
N GLU B 56 -41.17 10.79 1.77
CA GLU B 56 -41.72 9.59 2.38
C GLU B 56 -42.31 9.84 3.77
N GLY B 57 -42.35 11.10 4.22
CA GLY B 57 -42.88 11.44 5.51
C GLY B 57 -41.84 11.91 6.50
N GLY B 58 -40.57 11.67 6.24
CA GLY B 58 -39.52 12.21 7.08
C GLY B 58 -39.42 11.59 8.46
N ALA B 59 -39.80 10.32 8.62
CA ALA B 59 -39.73 9.67 9.93
C ALA B 59 -38.28 9.60 10.41
N LYS B 60 -38.09 9.78 11.72
CA LYS B 60 -36.78 9.79 12.35
C LYS B 60 -36.57 8.53 13.18
N ASP B 61 -35.30 8.20 13.40
CA ASP B 61 -34.93 7.11 14.29
C ASP B 61 -33.64 7.50 15.01
N TYR B 62 -33.42 6.88 16.17
CA TYR B 62 -32.28 7.21 17.02
C TYR B 62 -31.73 5.95 17.69
N ALA B 63 -30.43 5.95 17.93
CA ALA B 63 -29.82 4.93 18.79
C ALA B 63 -30.25 5.13 20.24
N ALA B 64 -30.42 4.03 20.97
CA ALA B 64 -30.90 4.14 22.34
C ALA B 64 -29.98 5.01 23.19
N ALA B 65 -28.68 5.02 22.89
CA ALA B 65 -27.77 5.80 23.72
C ALA B 65 -27.97 7.30 23.58
N VAL B 66 -28.55 7.76 22.47
CA VAL B 66 -28.72 9.19 22.25
C VAL B 66 -30.18 9.63 22.26
N ARG B 67 -31.12 8.69 22.25
N ARG B 67 -31.12 8.68 22.25
CA ARG B 67 -32.54 9.04 22.29
CA ARG B 67 -32.53 9.03 22.30
C ARG B 67 -32.84 9.86 23.53
C ARG B 67 -32.85 9.87 23.54
N GLY B 68 -33.57 10.97 23.34
CA GLY B 68 -33.91 11.88 24.40
C GLY B 68 -32.91 12.98 24.63
N ARG B 69 -31.69 12.81 24.11
CA ARG B 69 -30.65 13.83 24.12
C ARG B 69 -30.38 14.44 22.75
N PHE B 70 -30.43 13.66 21.68
CA PHE B 70 -30.14 14.16 20.34
C PHE B 70 -31.42 14.29 19.52
N THR B 71 -31.48 15.31 18.68
CA THR B 71 -32.59 15.50 17.75
C THR B 71 -32.05 15.73 16.34
N ILE B 72 -32.63 15.03 15.37
CA ILE B 72 -32.27 15.19 13.97
C ILE B 72 -33.33 16.06 13.31
N ALA B 73 -32.88 17.04 12.54
CA ALA B 73 -33.78 17.92 11.78
C ALA B 73 -33.24 18.05 10.36
N ARG B 74 -34.03 18.74 9.53
CA ARG B 74 -33.84 18.76 8.09
C ARG B 74 -34.36 20.08 7.54
N ASP B 75 -33.60 20.69 6.63
CA ASP B 75 -34.03 21.89 5.87
C ASP B 75 -33.71 21.64 4.40
N ASP B 76 -34.69 21.08 3.68
CA ASP B 76 -34.48 20.72 2.28
C ASP B 76 -34.13 21.95 1.45
N SER B 77 -34.73 23.09 1.76
CA SER B 77 -34.52 24.29 0.95
C SER B 77 -33.08 24.73 0.96
N LYS B 78 -32.35 24.42 2.04
CA LYS B 78 -30.94 24.74 2.16
C LYS B 78 -30.06 23.51 2.02
N SER B 79 -30.64 22.36 1.67
CA SER B 79 -29.89 21.12 1.50
C SER B 79 -29.06 20.77 2.73
N THR B 80 -29.62 21.01 3.92
CA THR B 80 -28.88 20.86 5.16
C THR B 80 -29.56 19.87 6.10
N LEU B 81 -28.75 18.99 6.69
CA LEU B 81 -29.17 18.04 7.71
C LEU B 81 -28.59 18.52 9.04
N TYR B 82 -29.34 18.43 10.11
CA TYR B 82 -28.89 18.92 11.41
C TYR B 82 -28.88 17.78 12.42
N LEU B 83 -28.06 17.96 13.47
CA LEU B 83 -28.05 17.09 14.65
C LEU B 83 -27.89 17.99 15.87
N GLN B 84 -28.99 18.22 16.58
CA GLN B 84 -28.96 18.95 17.83
C GLN B 84 -28.59 18.00 18.96
N MET B 85 -27.46 18.26 19.63
CA MET B 85 -26.93 17.39 20.68
C MET B 85 -27.09 18.09 22.02
N ASN B 86 -27.98 17.60 22.85
CA ASN B 86 -28.18 18.12 24.19
C ASN B 86 -27.66 17.13 25.22
N SER B 87 -27.42 17.64 26.43
CA SER B 87 -26.98 16.80 27.55
C SER B 87 -25.79 15.93 27.16
N LEU B 88 -24.78 16.58 26.58
CA LEU B 88 -23.64 15.86 26.06
C LEU B 88 -22.88 15.12 27.16
N LYS B 89 -22.43 13.92 26.82
CA LYS B 89 -21.62 13.08 27.69
C LYS B 89 -20.26 12.86 27.06
N ILE B 90 -19.33 12.43 27.90
CA ILE B 90 -17.96 12.17 27.46
C ILE B 90 -17.92 11.05 26.43
N GLU B 91 -18.83 10.07 26.53
CA GLU B 91 -18.85 8.98 25.57
C GLU B 91 -19.38 9.42 24.20
N ASP B 92 -19.87 10.65 24.09
CA ASP B 92 -20.26 11.21 22.78
C ASP B 92 -19.07 11.71 21.98
N THR B 93 -17.88 11.71 22.57
CA THR B 93 -16.68 12.22 21.89
C THR B 93 -16.35 11.37 20.67
N GLY B 94 -15.98 12.03 19.58
CA GLY B 94 -15.58 11.29 18.40
C GLY B 94 -15.83 12.09 17.13
N VAL B 95 -15.57 11.44 16.01
CA VAL B 95 -15.84 12.01 14.70
C VAL B 95 -17.28 11.70 14.32
N TYR B 96 -17.98 12.69 13.79
CA TYR B 96 -19.36 12.53 13.37
C TYR B 96 -19.48 12.67 11.86
N TYR B 97 -20.12 11.69 11.25
CA TYR B 97 -20.29 11.66 9.81
C TYR B 97 -21.74 11.79 9.36
N CYS B 98 -21.89 12.44 8.23
CA CYS B 98 -23.12 12.64 7.55
C CYS B 98 -23.07 11.66 6.37
N MET B 99 -24.14 10.93 6.12
CA MET B 99 -24.13 9.95 5.05
C MET B 99 -25.50 9.72 4.39
N THR B 100 -25.49 9.37 3.11
CA THR B 100 -26.70 9.02 2.37
C THR B 100 -26.31 8.15 1.18
N GLY B 101 -27.33 7.54 0.59
CA GLY B 101 -27.21 6.83 -0.68
C GLY B 101 -28.10 7.51 -1.70
N VAL B 102 -27.56 7.86 -2.87
CA VAL B 102 -28.29 8.66 -3.83
C VAL B 102 -28.12 8.09 -5.23
N GLU B 103 -29.06 8.48 -6.09
CA GLU B 103 -29.09 8.05 -7.47
C GLU B 103 -28.29 9.00 -8.34
N ARG B 104 -27.64 8.46 -9.37
CA ARG B 104 -26.83 9.23 -10.30
C ARG B 104 -27.07 8.70 -11.70
N GLY B 105 -27.06 9.60 -12.69
CA GLY B 105 -27.29 9.22 -14.08
C GLY B 105 -26.01 8.95 -14.84
N ASP B 106 -26.02 7.87 -15.63
CA ASP B 106 -24.91 7.46 -16.47
C ASP B 106 -25.39 7.34 -17.92
N PHE B 107 -24.73 8.05 -18.83
CA PHE B 107 -25.11 8.08 -20.22
C PHE B 107 -23.92 7.72 -21.12
N TRP B 108 -24.17 6.85 -22.10
CA TRP B 108 -23.17 6.58 -23.11
C TRP B 108 -23.86 6.29 -24.44
N SER B 109 -23.08 6.43 -25.51
CA SER B 109 -23.59 6.29 -26.86
C SER B 109 -22.57 5.55 -27.71
N ASP B 110 -23.09 4.90 -28.74
CA ASP B 110 -22.36 4.19 -29.79
C ASP B 110 -22.56 4.90 -31.12
N ASP B 111 -21.98 4.32 -32.17
CA ASP B 111 -22.31 4.69 -33.55
C ASP B 111 -23.72 4.17 -33.82
N SER B 113 -25.90 3.29 -30.81
CA SER B 113 -26.71 3.26 -29.59
C SER B 113 -26.70 4.52 -28.72
N GLN B 114 -27.69 4.59 -27.84
CA GLN B 114 -27.77 5.55 -26.74
C GLN B 114 -28.27 4.79 -25.52
N HIS B 115 -27.51 4.84 -24.43
CA HIS B 115 -27.85 4.09 -23.23
C HIS B 115 -27.93 5.04 -22.05
N TYR B 116 -29.04 5.00 -21.32
CA TYR B 116 -29.17 5.75 -20.10
C TYR B 116 -29.34 4.80 -18.92
N ASN B 117 -28.74 5.17 -17.80
CA ASN B 117 -28.66 4.29 -16.65
C ASN B 117 -28.63 5.12 -15.37
N THR B 118 -29.16 4.55 -14.29
CA THR B 118 -28.92 5.09 -12.96
C THR B 118 -28.22 4.05 -12.10
N TYR B 119 -27.38 4.55 -11.19
CA TYR B 119 -26.64 3.73 -10.23
C TYR B 119 -26.61 4.43 -8.88
N LEU B 120 -26.33 3.65 -7.83
CA LEU B 120 -26.26 4.16 -6.47
C LEU B 120 -24.91 4.79 -6.18
N ILE B 121 -24.91 5.92 -5.48
CA ILE B 121 -23.71 6.52 -4.93
C ILE B 121 -23.91 6.67 -3.43
N ASP B 122 -23.15 5.90 -2.68
CA ASP B 122 -23.11 5.97 -1.22
C ASP B 122 -22.05 7.01 -0.85
N VAL B 123 -22.50 8.09 -0.24
CA VAL B 123 -21.63 9.21 0.08
C VAL B 123 -21.54 9.56 1.56
N TRP B 124 -20.34 9.91 1.98
CA TRP B 124 -20.03 10.29 3.33
C TRP B 124 -19.29 11.60 3.28
N GLY B 125 -19.47 12.42 4.30
CA GLY B 125 -18.72 13.65 4.42
C GLY B 125 -17.41 13.34 5.11
N LYS B 126 -16.53 14.30 5.20
CA LYS B 126 -15.23 14.02 5.80
C LYS B 126 -15.28 13.99 7.33
N GLY B 127 -16.38 14.43 7.95
CA GLY B 127 -16.58 14.34 9.37
C GLY B 127 -16.21 15.63 10.10
N THR B 128 -16.80 15.79 11.27
CA THR B 128 -16.49 16.90 12.18
C THR B 128 -16.29 16.31 13.57
N THR B 129 -15.37 16.88 14.34
CA THR B 129 -14.96 16.26 15.60
C THR B 129 -15.67 16.89 16.78
N VAL B 130 -16.27 16.05 17.62
CA VAL B 130 -16.97 16.49 18.82
C VAL B 130 -16.17 16.02 20.02
N THR B 131 -15.72 16.96 20.84
CA THR B 131 -14.93 16.63 22.01
C THR B 131 -15.70 17.11 23.24
N VAL B 132 -16.16 16.16 24.06
CA VAL B 132 -16.89 16.48 25.29
C VAL B 132 -15.97 16.16 26.45
N SER B 133 -15.54 17.21 27.16
CA SER B 133 -14.62 17.04 28.27
C SER B 133 -14.72 18.25 29.18
N SER B 134 -14.49 18.01 30.46
CA SER B 134 -14.43 19.07 31.46
C SER B 134 -13.01 19.59 31.66
N ALA B 135 -12.04 19.09 30.91
CA ALA B 135 -10.66 19.53 31.03
C ALA B 135 -10.46 20.91 30.39
N SER B 136 -9.41 21.58 30.82
CA SER B 136 -9.06 22.88 30.25
C SER B 136 -7.86 22.74 29.32
N THR B 137 -7.81 23.62 28.33
CA THR B 137 -6.75 23.56 27.32
C THR B 137 -5.38 23.80 27.96
N LYS B 138 -4.43 22.94 27.62
CA LYS B 138 -3.12 22.99 28.25
C LYS B 138 -2.10 22.33 27.32
N GLY B 139 -0.97 23.00 27.14
CA GLY B 139 0.13 22.47 26.37
C GLY B 139 0.89 21.43 27.15
N PRO B 140 1.61 20.55 26.45
CA PRO B 140 2.31 19.47 27.12
C PRO B 140 3.65 19.91 27.69
N SER B 141 4.11 19.16 28.67
CA SER B 141 5.50 19.22 29.07
C SER B 141 6.21 18.03 28.40
N VAL B 142 7.35 18.30 27.79
CA VAL B 142 8.07 17.33 26.97
C VAL B 142 9.30 16.91 27.75
N PHE B 143 9.37 15.61 28.07
CA PHE B 143 10.48 15.05 28.83
C PHE B 143 11.30 14.10 27.97
N PRO B 144 12.63 14.11 28.09
CA PRO B 144 13.44 13.23 27.24
C PRO B 144 13.35 11.78 27.69
N LEU B 145 13.36 10.88 26.72
CA LEU B 145 13.52 9.44 26.96
C LEU B 145 14.94 9.12 26.52
N ALA B 146 15.88 9.14 27.48
CA ALA B 146 17.30 9.14 27.18
C ALA B 146 17.80 7.73 26.86
N PRO B 147 18.68 7.59 25.88
CA PRO B 147 19.20 6.27 25.51
C PRO B 147 20.29 5.74 26.44
N SER B 148 21.01 4.71 25.98
CA SER B 148 22.07 4.00 26.71
C SER B 148 21.53 3.21 27.90
N THR B 156 21.95 -1.09 17.84
CA THR B 156 20.79 -0.19 17.72
C THR B 156 20.37 0.43 19.05
N ALA B 157 20.26 1.75 19.09
CA ALA B 157 19.81 2.47 20.28
C ALA B 157 18.40 3.00 20.07
N ALA B 158 17.71 3.28 21.18
CA ALA B 158 16.39 3.88 21.13
C ALA B 158 16.36 5.09 22.04
N LEU B 159 15.74 6.17 21.57
CA LEU B 159 15.56 7.38 22.37
C LEU B 159 14.21 7.99 21.98
N GLY B 160 13.77 8.97 22.75
CA GLY B 160 12.48 9.55 22.45
C GLY B 160 12.16 10.76 23.30
N CYS B 161 10.90 11.21 23.16
CA CYS B 161 10.32 12.29 23.94
C CYS B 161 8.96 11.86 24.49
N LEU B 162 8.72 12.21 25.75
CA LEU B 162 7.45 11.95 26.41
C LEU B 162 6.66 13.25 26.41
N VAL B 163 5.52 13.25 25.72
CA VAL B 163 4.69 14.42 25.54
C VAL B 163 3.50 14.27 26.48
N LYS B 164 3.58 14.89 27.66
CA LYS B 164 2.72 14.52 28.77
C LYS B 164 1.81 15.66 29.20
N ASP B 165 0.55 15.31 29.48
CA ASP B 165 -0.44 16.18 30.14
C ASP B 165 -0.80 17.38 29.25
N TYR B 166 -1.37 17.08 28.09
CA TYR B 166 -1.86 18.11 27.20
C TYR B 166 -3.33 17.88 26.90
N PHE B 167 -3.98 18.94 26.42
CA PHE B 167 -5.40 18.86 26.06
C PHE B 167 -5.72 20.07 25.22
N PRO B 168 -6.53 19.94 24.16
CA PRO B 168 -7.02 18.65 23.65
C PRO B 168 -6.10 18.05 22.57
N GLU B 169 -6.56 16.98 21.93
CA GLU B 169 -5.91 16.50 20.73
C GLU B 169 -6.01 17.59 19.66
N PRO B 170 -5.08 17.63 18.69
CA PRO B 170 -3.93 16.74 18.57
C PRO B 170 -2.62 17.42 18.89
N VAL B 171 -1.54 16.65 18.83
CA VAL B 171 -0.21 17.19 18.99
C VAL B 171 0.66 16.63 17.88
N THR B 172 1.58 17.46 17.38
CA THR B 172 2.50 17.08 16.32
C THR B 172 3.90 16.92 16.87
N VAL B 173 4.58 15.86 16.42
CA VAL B 173 5.95 15.58 16.81
C VAL B 173 6.77 15.32 15.57
N SER B 174 7.87 16.05 15.42
CA SER B 174 8.86 15.75 14.40
C SER B 174 10.22 15.63 15.08
N TRP B 175 11.18 15.03 14.37
CA TRP B 175 12.53 14.85 14.87
C TRP B 175 13.53 15.53 13.96
N ASN B 176 14.38 16.36 14.54
CA ASN B 176 15.41 17.10 13.81
C ASN B 176 14.77 17.87 12.65
N SER B 177 13.65 18.53 12.96
CA SER B 177 12.92 19.38 12.00
C SER B 177 12.54 18.60 10.75
N GLY B 178 12.17 17.33 10.93
CA GLY B 178 11.73 16.50 9.83
C GLY B 178 12.83 15.81 9.06
N ALA B 179 14.09 16.10 9.39
CA ALA B 179 15.20 15.44 8.72
C ALA B 179 15.29 13.97 9.09
N LEU B 180 14.82 13.60 10.28
CA LEU B 180 14.88 12.24 10.78
C LEU B 180 13.47 11.66 10.79
N THR B 181 13.20 10.73 9.86
CA THR B 181 11.90 10.09 9.78
C THR B 181 11.96 8.57 9.83
N SER B 182 13.06 7.95 9.43
CA SER B 182 13.18 6.51 9.49
C SER B 182 13.41 6.09 10.93
N GLY B 183 12.73 5.02 11.34
CA GLY B 183 12.80 4.52 12.69
C GLY B 183 11.96 5.29 13.68
N VAL B 184 11.12 6.23 13.23
CA VAL B 184 10.31 7.04 14.13
C VAL B 184 8.98 6.34 14.37
N HIS B 185 8.59 6.24 15.64
CA HIS B 185 7.26 5.77 16.04
C HIS B 185 6.68 6.80 16.99
N THR B 186 5.62 7.48 16.56
CA THR B 186 4.85 8.36 17.43
C THR B 186 3.56 7.65 17.81
N PHE B 187 3.46 7.23 19.08
CA PHE B 187 2.36 6.38 19.50
C PHE B 187 1.05 7.17 19.61
N PRO B 188 -0.09 6.50 19.46
CA PRO B 188 -1.38 7.16 19.73
C PRO B 188 -1.50 7.55 21.19
N ALA B 189 -2.07 8.74 21.42
CA ALA B 189 -2.18 9.25 22.78
C ALA B 189 -3.11 8.39 23.63
N VAL B 190 -2.88 8.41 24.93
CA VAL B 190 -3.79 7.78 25.89
C VAL B 190 -4.38 8.89 26.75
N LEU B 191 -5.68 8.77 27.03
CA LEU B 191 -6.38 9.69 27.92
C LEU B 191 -6.18 9.23 29.36
N GLN B 192 -5.60 10.09 30.18
CA GLN B 192 -5.28 9.75 31.56
C GLN B 192 -6.48 10.00 32.45
N SER B 193 -6.40 9.51 33.69
CA SER B 193 -7.46 9.74 34.66
C SER B 193 -7.70 11.22 34.91
N SER B 194 -6.70 12.06 34.65
CA SER B 194 -6.85 13.50 34.81
C SER B 194 -7.67 14.15 33.71
N GLY B 195 -8.05 13.40 32.67
CA GLY B 195 -8.66 14.01 31.51
C GLY B 195 -7.68 14.64 30.55
N LEU B 196 -6.37 14.57 30.84
CA LEU B 196 -5.34 15.07 29.94
C LEU B 196 -4.72 13.92 29.17
N TYR B 197 -4.25 14.23 27.96
CA TYR B 197 -3.63 13.23 27.10
C TYR B 197 -2.14 13.10 27.37
N SER B 198 -1.61 11.92 27.09
CA SER B 198 -0.19 11.66 27.17
C SER B 198 0.23 10.77 26.01
N LEU B 199 1.43 11.02 25.50
CA LEU B 199 1.89 10.44 24.25
C LEU B 199 3.38 10.19 24.33
N SER B 200 3.86 9.28 23.50
CA SER B 200 5.30 9.01 23.45
C SER B 200 5.73 8.93 21.99
N SER B 201 6.88 9.53 21.67
CA SER B 201 7.44 9.48 20.33
C SER B 201 8.88 9.00 20.42
N VAL B 202 9.20 7.91 19.72
CA VAL B 202 10.50 7.28 19.84
C VAL B 202 11.15 7.14 18.46
N VAL B 203 12.46 6.96 18.48
CA VAL B 203 13.21 6.73 17.26
C VAL B 203 14.39 5.83 17.57
N THR B 204 14.67 4.91 16.67
CA THR B 204 15.85 4.05 16.79
C THR B 204 16.94 4.55 15.86
N VAL B 205 18.17 4.58 16.38
CA VAL B 205 19.33 5.08 15.65
C VAL B 205 20.51 4.18 15.92
N PRO B 206 21.53 4.25 15.07
CA PRO B 206 22.77 3.53 15.37
C PRO B 206 23.37 3.98 16.69
N SER B 207 23.86 3.03 17.48
CA SER B 207 24.51 3.34 18.75
C SER B 207 25.73 4.23 18.56
N SER B 208 26.36 4.15 17.39
CA SER B 208 27.52 5.00 17.10
C SER B 208 27.17 6.48 17.06
N SER B 209 25.90 6.80 16.82
CA SER B 209 25.48 8.18 16.66
C SER B 209 25.20 8.89 17.97
N LEU B 210 25.15 8.17 19.10
CA LEU B 210 24.76 8.78 20.35
C LEU B 210 25.68 9.91 20.77
N GLY B 211 26.98 9.80 20.45
CA GLY B 211 27.92 10.86 20.74
C GLY B 211 28.15 11.80 19.57
N THR B 212 27.82 11.35 18.36
CA THR B 212 28.02 12.13 17.15
C THR B 212 26.85 13.08 16.87
N GLN B 213 25.66 12.52 16.71
CA GLN B 213 24.50 13.26 16.24
C GLN B 213 23.64 13.72 17.41
N THR B 214 23.13 14.95 17.31
CA THR B 214 22.20 15.47 18.30
C THR B 214 20.79 15.29 17.77
N TYR B 215 19.87 14.98 18.68
CA TYR B 215 18.48 14.66 18.33
C TYR B 215 17.55 15.62 19.05
N ILE B 216 16.72 16.33 18.29
CA ILE B 216 15.73 17.25 18.82
C ILE B 216 14.36 16.75 18.40
N CYS B 217 13.45 16.62 19.37
CA CYS B 217 12.05 16.40 19.05
C CYS B 217 11.33 17.73 19.04
N ASN B 218 10.62 18.00 17.97
CA ASN B 218 9.91 19.27 17.79
C ASN B 218 8.44 18.99 18.01
N VAL B 219 7.91 19.49 19.12
CA VAL B 219 6.55 19.20 19.56
C VAL B 219 5.73 20.45 19.35
N ASN B 220 4.55 20.27 18.75
CA ASN B 220 3.70 21.39 18.37
C ASN B 220 2.29 21.06 18.85
N HIS B 221 1.75 21.92 19.71
CA HIS B 221 0.38 21.82 20.19
C HIS B 221 -0.32 23.12 19.83
N LYS B 222 -0.98 23.13 18.68
CA LYS B 222 -1.61 24.37 18.23
C LYS B 222 -2.71 24.89 19.15
N PRO B 223 -3.57 24.06 19.76
CA PRO B 223 -4.62 24.63 20.64
C PRO B 223 -4.10 25.52 21.75
N SER B 224 -2.87 25.32 22.22
CA SER B 224 -2.33 26.13 23.30
C SER B 224 -1.20 27.05 22.86
N ASN B 225 -0.88 27.08 21.55
CA ASN B 225 0.20 27.91 21.01
C ASN B 225 1.55 27.54 21.63
N THR B 226 1.78 26.23 21.77
CA THR B 226 2.99 25.70 22.38
C THR B 226 3.87 25.05 21.31
N LYS B 227 5.12 25.53 21.21
CA LYS B 227 6.18 24.87 20.45
C LYS B 227 7.31 24.55 21.40
N VAL B 228 7.75 23.30 21.41
CA VAL B 228 8.85 22.85 22.26
C VAL B 228 9.82 22.06 21.42
N ASP B 229 11.08 22.45 21.45
CA ASP B 229 12.16 21.68 20.85
C ASP B 229 13.01 21.15 21.98
N LYS B 230 12.99 19.84 22.15
CA LYS B 230 13.65 19.19 23.28
C LYS B 230 14.80 18.34 22.76
N ARG B 231 16.00 18.61 23.25
CA ARG B 231 17.18 17.83 22.89
C ARG B 231 17.27 16.62 23.80
N VAL B 232 17.38 15.43 23.21
CA VAL B 232 17.45 14.19 23.96
C VAL B 232 18.91 13.74 23.96
N GLU B 233 19.51 13.78 25.11
CA GLU B 233 20.91 13.48 25.34
C GLU B 233 21.05 12.17 26.10
N PRO B 234 22.17 11.47 25.95
CA PRO B 234 22.50 10.35 26.85
C PRO B 234 22.72 10.83 28.29
N ILE C 2 10.05 16.83 -29.77
CA ILE C 2 10.08 17.19 -28.36
C ILE C 2 10.34 15.97 -27.50
N VAL C 3 11.33 16.06 -26.60
CA VAL C 3 11.71 14.96 -25.73
C VAL C 3 11.33 15.29 -24.30
N LEU C 4 10.81 14.31 -23.58
CA LEU C 4 10.42 14.47 -22.18
C LEU C 4 11.43 13.75 -21.28
N THR C 5 11.76 14.39 -20.15
CA THR C 5 12.65 13.83 -19.15
C THR C 5 12.02 13.98 -17.77
N GLN C 6 12.34 13.05 -16.87
CA GLN C 6 11.75 13.05 -15.54
C GLN C 6 12.84 12.93 -14.48
N SER C 7 12.72 13.74 -13.43
CA SER C 7 13.61 13.76 -12.29
C SER C 7 12.81 13.59 -11.00
N PRO C 8 13.29 12.74 -10.07
CA PRO C 8 14.47 11.90 -10.29
C PRO C 8 14.08 10.56 -10.93
N GLY C 9 15.02 9.64 -11.05
CA GLY C 9 14.68 8.30 -11.53
C GLY C 9 13.95 7.49 -10.49
N THR C 10 14.44 7.54 -9.25
CA THR C 10 13.83 6.86 -8.11
C THR C 10 13.62 7.85 -6.98
N LEU C 11 12.43 7.84 -6.39
CA LEU C 11 12.07 8.69 -5.27
C LEU C 11 11.67 7.79 -4.10
N SER C 12 12.46 7.79 -3.02
CA SER C 12 12.22 6.92 -1.88
C SER C 12 11.53 7.74 -0.79
N LEU C 13 10.28 7.40 -0.49
CA LEU C 13 9.50 8.18 0.47
C LEU C 13 8.71 7.26 1.38
N SER C 14 8.36 7.78 2.54
CA SER C 14 7.58 7.06 3.53
C SER C 14 6.10 7.24 3.27
N PRO C 15 5.28 6.24 3.60
CA PRO C 15 3.83 6.45 3.54
C PRO C 15 3.43 7.62 4.41
N GLY C 16 2.64 8.52 3.84
CA GLY C 16 2.21 9.73 4.51
C GLY C 16 3.00 10.97 4.13
N ASP C 17 4.19 10.82 3.57
CA ASP C 17 4.96 11.97 3.14
C ASP C 17 4.30 12.60 1.92
N ARG C 18 4.83 13.76 1.52
CA ARG C 18 4.37 14.47 0.33
C ARG C 18 5.35 14.24 -0.80
N ALA C 19 4.85 13.78 -1.95
CA ALA C 19 5.69 13.46 -3.10
C ALA C 19 5.62 14.56 -4.16
N THR C 20 6.76 14.86 -4.76
CA THR C 20 6.88 15.87 -5.80
C THR C 20 7.67 15.29 -6.95
N LEU C 21 7.03 15.11 -8.10
CA LEU C 21 7.64 14.51 -9.28
C LEU C 21 7.70 15.55 -10.39
N SER C 22 8.83 15.61 -11.07
CA SER C 22 9.09 16.61 -12.09
C SER C 22 9.11 15.98 -13.48
N CYS C 23 8.72 16.78 -14.47
CA CYS C 23 8.83 16.40 -15.88
C CYS C 23 9.28 17.63 -16.66
N ARG C 24 10.25 17.44 -17.54
CA ARG C 24 10.81 18.54 -18.32
C ARG C 24 10.69 18.23 -19.81
N ALA C 25 10.40 19.26 -20.60
CA ALA C 25 10.26 19.12 -22.04
C ALA C 25 11.33 19.98 -22.72
N THR C 26 11.87 19.48 -23.84
CA THR C 26 12.86 20.24 -24.58
C THR C 26 12.27 21.47 -25.26
N GLN C 27 10.96 21.47 -25.52
CA GLN C 27 10.25 22.62 -26.08
C GLN C 27 8.90 22.75 -25.40
N SER C 28 8.23 23.87 -25.65
CA SER C 28 6.98 24.13 -24.95
C SER C 28 5.93 23.09 -25.31
N VAL C 29 5.20 22.63 -24.30
CA VAL C 29 4.04 21.77 -24.48
C VAL C 29 2.83 22.52 -23.95
N GLY C 30 1.82 22.68 -24.80
CA GLY C 30 0.62 23.41 -24.40
C GLY C 30 -0.04 22.76 -23.21
N GLY C 31 -0.68 23.60 -22.38
CA GLY C 31 -1.23 23.13 -21.12
C GLY C 31 -2.30 22.05 -21.28
N ASP C 32 -3.11 22.13 -22.33
CA ASP C 32 -4.18 21.17 -22.57
C ASP C 32 -3.70 19.86 -23.19
N TYR C 33 -2.38 19.68 -23.32
CA TYR C 33 -1.83 18.51 -24.00
C TYR C 33 -0.77 17.83 -23.14
N PHE C 34 -0.92 17.92 -21.81
CA PHE C 34 0.01 17.29 -20.87
C PHE C 34 -0.77 16.45 -19.88
N ALA C 35 -0.21 15.29 -19.53
CA ALA C 35 -0.90 14.33 -18.67
C ALA C 35 0.09 13.57 -17.80
N TRP C 36 -0.41 13.07 -16.66
CA TRP C 36 0.35 12.23 -15.74
C TRP C 36 -0.31 10.87 -15.62
N TYR C 37 0.50 9.82 -15.62
CA TYR C 37 0.02 8.45 -15.53
C TYR C 37 0.70 7.72 -14.39
N GLN C 38 0.03 6.69 -13.90
CA GLN C 38 0.54 5.80 -12.88
C GLN C 38 0.48 4.36 -13.38
N GLN C 39 1.52 3.59 -13.11
CA GLN C 39 1.51 2.18 -13.44
C GLN C 39 2.12 1.39 -12.29
N ARG C 40 1.40 0.38 -11.83
CA ARG C 40 1.83 -0.55 -10.82
C ARG C 40 2.19 -1.89 -11.45
N PRO C 41 3.06 -2.68 -10.82
CA PRO C 41 3.48 -3.94 -11.43
C PRO C 41 2.28 -4.80 -11.78
N GLY C 42 2.32 -5.38 -12.98
CA GLY C 42 1.28 -6.27 -13.45
C GLY C 42 -0.01 -5.61 -13.90
N GLN C 43 -0.05 -4.28 -14.01
CA GLN C 43 -1.28 -3.57 -14.33
C GLN C 43 -1.07 -2.61 -15.49
N SER C 44 -2.19 -2.23 -16.11
CA SER C 44 -2.18 -1.24 -17.17
C SER C 44 -2.03 0.16 -16.59
N PRO C 45 -1.47 1.11 -17.34
CA PRO C 45 -1.36 2.48 -16.83
C PRO C 45 -2.74 3.06 -16.53
N ARG C 46 -2.76 4.01 -15.60
CA ARG C 46 -3.98 4.67 -15.16
C ARG C 46 -3.73 6.17 -15.20
N LEU C 47 -4.63 6.89 -15.86
CA LEU C 47 -4.51 8.34 -15.92
C LEU C 47 -4.81 8.97 -14.56
N LEU C 48 -3.92 9.86 -14.11
CA LEU C 48 -4.15 10.63 -12.90
C LEU C 48 -4.56 12.06 -13.23
N ILE C 49 -3.76 12.73 -14.05
CA ILE C 49 -3.94 14.13 -14.39
C ILE C 49 -3.88 14.27 -15.90
N TYR C 50 -4.78 15.06 -16.47
CA TYR C 50 -4.71 15.41 -17.88
C TYR C 50 -4.86 16.91 -18.04
N GLY C 51 -4.48 17.43 -19.20
CA GLY C 51 -4.51 18.87 -19.39
C GLY C 51 -3.77 19.63 -18.31
N THR C 52 -2.57 19.14 -17.95
CA THR C 52 -1.70 19.74 -16.94
C THR C 52 -2.24 19.63 -15.52
N SER C 53 -3.46 20.12 -15.26
CA SER C 53 -3.96 20.22 -13.89
C SER C 53 -5.32 19.59 -13.66
N ARG C 54 -5.94 18.98 -14.67
CA ARG C 54 -7.29 18.44 -14.54
C ARG C 54 -7.21 17.00 -14.02
N ARG C 55 -7.81 16.75 -12.86
CA ARG C 55 -7.89 15.40 -12.32
C ARG C 55 -8.87 14.55 -13.09
N ALA C 56 -8.49 13.31 -13.37
CA ALA C 56 -9.42 12.38 -13.96
C ALA C 56 -10.47 11.96 -12.94
N ALA C 57 -11.69 11.74 -13.43
CA ALA C 57 -12.77 11.28 -12.55
C ALA C 57 -12.38 9.98 -11.85
N GLY C 58 -12.70 9.88 -10.57
CA GLY C 58 -12.37 8.70 -9.80
C GLY C 58 -10.97 8.68 -9.20
N ILE C 59 -10.19 9.74 -9.36
CA ILE C 59 -8.83 9.82 -8.85
C ILE C 59 -8.85 10.57 -7.53
N PRO C 60 -8.24 10.04 -6.47
CA PRO C 60 -8.29 10.74 -5.17
C PRO C 60 -7.72 12.15 -5.30
N ASP C 61 -8.24 13.05 -4.46
CA ASP C 61 -7.88 14.46 -4.58
C ASP C 61 -6.49 14.74 -4.02
N ARG C 62 -5.82 13.75 -3.42
CA ARG C 62 -4.45 13.96 -2.98
C ARG C 62 -3.49 14.10 -4.16
N PHE C 63 -3.92 13.71 -5.37
CA PHE C 63 -3.14 13.95 -6.58
C PHE C 63 -3.47 15.32 -7.16
N SER C 64 -2.44 16.01 -7.63
CA SER C 64 -2.58 17.36 -8.16
C SER C 64 -1.49 17.57 -9.19
N GLY C 65 -1.85 18.22 -10.28
CA GLY C 65 -0.94 18.48 -11.38
C GLY C 65 -0.74 19.97 -11.57
N SER C 66 0.47 20.35 -11.97
CA SER C 66 0.83 21.75 -12.09
C SER C 66 1.88 21.91 -13.18
N GLY C 67 2.18 23.16 -13.51
CA GLY C 67 3.24 23.48 -14.43
C GLY C 67 2.75 24.26 -15.64
N SER C 68 3.71 24.62 -16.48
CA SER C 68 3.48 25.36 -17.71
C SER C 68 4.77 25.37 -18.52
N GLY C 69 4.62 25.57 -19.82
CA GLY C 69 5.77 25.63 -20.70
C GLY C 69 6.51 24.31 -20.79
N THR C 70 7.71 24.26 -20.20
CA THR C 70 8.53 23.06 -20.24
C THR C 70 8.68 22.40 -18.87
N ASP C 71 8.02 22.92 -17.84
CA ASP C 71 8.18 22.43 -16.48
C ASP C 71 6.82 21.99 -15.96
N PHE C 72 6.75 20.72 -15.53
CA PHE C 72 5.50 20.18 -15.02
C PHE C 72 5.79 19.39 -13.75
N THR C 73 4.77 19.32 -12.89
CA THR C 73 4.95 18.76 -11.57
C THR C 73 3.71 17.96 -11.20
N LEU C 74 3.93 16.75 -10.69
CA LEU C 74 2.88 15.95 -10.08
C LEU C 74 3.12 15.94 -8.58
N THR C 75 2.08 16.21 -7.80
CA THR C 75 2.17 16.24 -6.36
C THR C 75 1.19 15.26 -5.76
N ILE C 76 1.65 14.50 -4.77
CA ILE C 76 0.83 13.54 -4.03
C ILE C 76 0.88 13.97 -2.56
N ASP C 77 -0.25 14.44 -2.04
CA ASP C 77 -0.28 15.05 -0.71
C ASP C 77 0.15 14.08 0.38
N ARG C 78 -0.52 12.93 0.46
CA ARG C 78 -0.24 11.94 1.49
C ARG C 78 -0.11 10.59 0.80
N LEU C 79 1.08 10.02 0.83
CA LEU C 79 1.34 8.77 0.13
C LEU C 79 0.61 7.63 0.82
N GLU C 80 -0.32 7.01 0.10
CA GLU C 80 -0.94 5.78 0.54
C GLU C 80 -0.16 4.59 -0.01
N PRO C 81 -0.34 3.39 0.56
CA PRO C 81 0.40 2.23 0.06
C PRO C 81 0.26 1.99 -1.43
N GLU C 82 -0.92 2.23 -2.01
CA GLU C 82 -1.11 1.99 -3.44
C GLU C 82 -0.41 3.02 -4.32
N ASP C 83 0.17 4.08 -3.74
CA ASP C 83 0.81 5.13 -4.52
C ASP C 83 2.26 4.80 -4.90
N PHE C 84 2.83 3.75 -4.34
CA PHE C 84 4.21 3.39 -4.63
C PHE C 84 4.21 2.60 -5.94
N ALA C 85 4.60 3.29 -7.01
CA ALA C 85 4.48 2.80 -8.37
C ALA C 85 5.36 3.67 -9.26
N VAL C 86 5.25 3.48 -10.57
CA VAL C 86 6.00 4.26 -11.54
C VAL C 86 5.06 5.32 -12.10
N TYR C 87 5.60 6.53 -12.31
CA TYR C 87 4.81 7.64 -12.83
C TYR C 87 5.42 8.16 -14.12
N TYR C 88 4.58 8.33 -15.13
CA TYR C 88 5.00 8.78 -16.45
C TYR C 88 4.27 10.07 -16.78
N CYS C 89 5.01 11.06 -17.29
CA CYS C 89 4.38 12.19 -17.96
C CYS C 89 4.18 11.86 -19.44
N ARG C 90 3.35 12.67 -20.10
CA ARG C 90 2.99 12.39 -21.48
C ARG C 90 2.61 13.68 -22.18
N GLN C 91 3.03 13.82 -23.43
CA GLN C 91 2.63 14.93 -24.27
C GLN C 91 1.75 14.42 -25.41
N TYR C 92 0.85 15.27 -25.88
CA TYR C 92 0.00 14.91 -27.01
C TYR C 92 -0.48 16.14 -27.76
N GLU C 93 0.42 17.07 -28.06
CA GLU C 93 0.11 18.23 -28.87
C GLU C 93 0.66 18.05 -30.29
N THR C 94 1.98 18.25 -30.45
CA THR C 94 2.64 17.99 -31.71
C THR C 94 3.57 16.79 -31.66
N SER C 95 4.05 16.42 -30.48
CA SER C 95 4.72 15.15 -30.24
C SER C 95 3.89 14.34 -29.24
N PHE C 96 4.08 13.03 -29.25
CA PHE C 96 3.14 12.15 -28.55
C PHE C 96 3.86 11.11 -27.71
N THR C 97 5.02 11.46 -27.17
CA THR C 97 5.84 10.52 -26.41
C THR C 97 5.44 10.50 -24.93
N PHE C 98 5.95 9.49 -24.23
CA PHE C 98 5.92 9.42 -22.79
C PHE C 98 7.29 9.81 -22.23
N GLY C 99 7.29 10.26 -20.98
CA GLY C 99 8.51 10.47 -20.24
C GLY C 99 9.14 9.14 -19.87
N PRO C 100 10.40 9.16 -19.41
CA PRO C 100 11.07 7.91 -19.03
C PRO C 100 10.50 7.23 -17.81
N GLY C 101 9.79 7.95 -16.93
CA GLY C 101 9.22 7.34 -15.75
C GLY C 101 10.02 7.62 -14.49
N THR C 102 9.32 7.83 -13.36
CA THR C 102 9.93 7.96 -12.03
C THR C 102 9.32 6.92 -11.13
N LYS C 103 10.16 6.12 -10.46
CA LYS C 103 9.73 5.07 -9.54
C LYS C 103 9.69 5.61 -8.12
N VAL C 104 8.54 5.48 -7.46
CA VAL C 104 8.43 5.85 -6.06
C VAL C 104 8.38 4.56 -5.25
N ASP C 105 9.43 4.27 -4.47
CA ASP C 105 9.39 3.11 -3.59
C ASP C 105 9.29 3.55 -2.13
N ILE C 106 9.07 2.56 -1.27
CA ILE C 106 8.81 2.80 0.13
C ILE C 106 10.14 2.96 0.84
N LYS C 107 10.34 4.13 1.46
CA LYS C 107 11.53 4.34 2.29
C LYS C 107 11.37 3.57 3.59
N ARG C 108 12.18 2.55 3.74
CA ARG C 108 12.17 1.63 4.85
C ARG C 108 13.40 1.90 5.71
N THR C 109 13.42 1.37 6.93
CA THR C 109 14.67 1.41 7.68
C THR C 109 15.68 0.50 6.99
N VAL C 110 16.97 0.88 7.12
CA VAL C 110 18.04 0.14 6.49
C VAL C 110 18.06 -1.28 7.01
N ALA C 111 18.19 -2.24 6.10
CA ALA C 111 18.24 -3.66 6.45
C ALA C 111 19.40 -4.30 5.71
N ALA C 112 20.33 -4.89 6.45
CA ALA C 112 21.46 -5.56 5.84
C ALA C 112 21.00 -6.84 5.15
N PRO C 113 21.66 -7.24 4.07
CA PRO C 113 21.31 -8.51 3.41
C PRO C 113 21.91 -9.71 4.11
N SER C 114 21.17 -10.82 4.06
CA SER C 114 21.73 -12.13 4.38
C SER C 114 22.37 -12.67 3.09
N VAL C 115 23.65 -13.04 3.17
CA VAL C 115 24.43 -13.44 2.00
C VAL C 115 24.67 -14.95 2.03
N PHE C 116 24.35 -15.62 0.92
CA PHE C 116 24.60 -17.05 0.75
C PHE C 116 25.28 -17.28 -0.60
N ILE C 117 26.11 -18.31 -0.67
CA ILE C 117 26.79 -18.67 -1.91
C ILE C 117 26.52 -20.13 -2.22
N PHE C 118 26.33 -20.43 -3.51
CA PHE C 118 25.99 -21.78 -3.96
C PHE C 118 27.00 -22.20 -5.02
N PRO C 119 27.74 -23.27 -4.80
CA PRO C 119 28.62 -23.79 -5.86
C PRO C 119 27.80 -24.40 -6.97
N PRO C 120 28.39 -24.62 -8.15
CA PRO C 120 27.65 -25.31 -9.20
C PRO C 120 27.37 -26.75 -8.81
N SER C 121 26.24 -27.26 -9.30
CA SER C 121 25.83 -28.62 -8.98
C SER C 121 26.63 -29.63 -9.80
N ASP C 122 26.73 -30.86 -9.27
CA ASP C 122 27.39 -31.92 -10.01
C ASP C 122 26.63 -32.29 -11.28
N GLU C 123 25.31 -32.20 -11.25
CA GLU C 123 24.52 -32.45 -12.46
C GLU C 123 24.88 -31.45 -13.55
N GLN C 124 24.99 -30.17 -13.19
CA GLN C 124 25.37 -29.15 -14.16
C GLN C 124 26.82 -29.32 -14.62
N LEU C 125 27.68 -29.79 -13.73
CA LEU C 125 29.09 -29.89 -14.05
C LEU C 125 29.31 -30.83 -15.24
N LYS C 126 28.66 -32.00 -15.22
CA LYS C 126 28.87 -32.92 -16.33
C LYS C 126 28.27 -32.45 -17.64
N SER C 127 27.65 -31.26 -17.69
CA SER C 127 27.15 -30.69 -18.94
C SER C 127 28.11 -29.72 -19.60
N GLY C 128 29.22 -29.38 -18.95
CA GLY C 128 30.22 -28.51 -19.52
C GLY C 128 30.14 -27.05 -19.09
N THR C 129 29.18 -26.70 -18.24
CA THR C 129 29.01 -25.33 -17.77
C THR C 129 28.96 -25.35 -16.25
N ALA C 130 29.41 -24.25 -15.65
CA ALA C 130 29.43 -24.09 -14.20
C ALA C 130 28.84 -22.73 -13.86
N SER C 131 27.73 -22.72 -13.12
CA SER C 131 27.11 -21.50 -12.63
C SER C 131 27.20 -21.47 -11.12
N VAL C 132 27.81 -20.42 -10.58
CA VAL C 132 27.87 -20.23 -9.14
C VAL C 132 27.03 -19.01 -8.81
N VAL C 133 26.16 -19.15 -7.81
CA VAL C 133 25.13 -18.17 -7.52
C VAL C 133 25.41 -17.54 -6.17
N CYS C 134 25.24 -16.21 -6.10
CA CYS C 134 25.35 -15.47 -4.85
C CYS C 134 24.04 -14.76 -4.56
N LEU C 135 23.51 -14.97 -3.36
CA LEU C 135 22.19 -14.51 -2.96
C LEU C 135 22.30 -13.41 -1.90
N LEU C 136 21.67 -12.26 -2.17
CA LEU C 136 21.48 -11.21 -1.17
C LEU C 136 20.01 -11.16 -0.81
N ASN C 137 19.70 -11.47 0.44
CA ASN C 137 18.33 -11.71 0.89
C ASN C 137 17.89 -10.59 1.81
N ASN C 138 16.80 -9.92 1.43
CA ASN C 138 16.01 -9.01 2.27
C ASN C 138 16.83 -7.84 2.81
N PHE C 139 17.19 -6.95 1.87
CA PHE C 139 17.97 -5.76 2.20
C PHE C 139 17.24 -4.51 1.74
N TYR C 140 17.62 -3.37 2.33
CA TYR C 140 17.12 -2.06 1.95
C TYR C 140 18.15 -1.04 2.40
N PRO C 141 18.46 0.01 1.59
CA PRO C 141 17.89 0.37 0.29
C PRO C 141 18.32 -0.54 -0.85
N ARG C 142 17.81 -0.26 -2.06
CA ARG C 142 18.03 -1.17 -3.17
C ARG C 142 19.50 -1.21 -3.60
N GLU C 143 20.23 -0.11 -3.41
CA GLU C 143 21.61 -0.02 -3.87
C GLU C 143 22.47 -1.02 -3.13
N ALA C 144 23.14 -1.89 -3.90
CA ALA C 144 24.06 -2.88 -3.35
C ALA C 144 25.13 -3.15 -4.39
N LYS C 145 26.30 -3.60 -3.93
CA LYS C 145 27.40 -3.91 -4.83
C LYS C 145 27.89 -5.32 -4.53
N VAL C 146 27.80 -6.20 -5.52
CA VAL C 146 28.28 -7.58 -5.42
C VAL C 146 29.55 -7.70 -6.24
N GLN C 147 30.56 -8.35 -5.66
CA GLN C 147 31.82 -8.55 -6.35
C GLN C 147 32.22 -10.01 -6.27
N TRP C 148 32.49 -10.60 -7.44
CA TRP C 148 33.02 -11.95 -7.54
C TRP C 148 34.54 -11.92 -7.57
N LYS C 149 35.15 -12.81 -6.79
CA LYS C 149 36.60 -12.97 -6.75
C LYS C 149 36.93 -14.44 -6.89
N VAL C 150 37.71 -14.79 -7.90
CA VAL C 150 38.16 -16.16 -8.14
C VAL C 150 39.64 -16.21 -7.82
N ASP C 151 39.99 -16.97 -6.79
CA ASP C 151 41.35 -17.00 -6.24
C ASP C 151 41.85 -15.58 -5.97
N ASN C 152 40.99 -14.78 -5.32
CA ASN C 152 41.27 -13.39 -4.96
C ASN C 152 41.50 -12.49 -6.18
N ALA C 153 41.05 -12.92 -7.35
CA ALA C 153 41.15 -12.14 -8.58
C ALA C 153 39.77 -11.65 -8.95
N LEU C 154 39.64 -10.34 -9.17
CA LEU C 154 38.34 -9.74 -9.43
C LEU C 154 37.82 -10.14 -10.81
N GLN C 155 36.57 -10.55 -10.85
CA GLN C 155 35.90 -10.91 -12.10
C GLN C 155 35.09 -9.73 -12.65
N SER C 156 34.92 -9.71 -13.97
CA SER C 156 34.08 -8.72 -14.63
C SER C 156 33.70 -9.24 -16.01
N GLY C 157 32.43 -9.05 -16.38
CA GLY C 157 31.92 -9.44 -17.68
C GLY C 157 31.33 -10.83 -17.77
N ASN C 158 31.38 -11.62 -16.69
CA ASN C 158 30.92 -12.99 -16.68
C ASN C 158 29.85 -13.24 -15.63
N SER C 159 29.10 -12.20 -15.27
CA SER C 159 28.03 -12.34 -14.29
C SER C 159 26.85 -11.47 -14.69
N GLN C 160 25.67 -11.88 -14.23
CA GLN C 160 24.43 -11.14 -14.44
C GLN C 160 23.66 -11.09 -13.13
N GLU C 161 22.94 -9.98 -12.93
CA GLU C 161 22.17 -9.73 -11.72
C GLU C 161 20.68 -9.59 -12.04
N SER C 162 19.85 -9.99 -11.09
CA SER C 162 18.41 -9.73 -11.17
C SER C 162 17.91 -9.41 -9.76
N VAL C 163 17.02 -8.42 -9.66
CA VAL C 163 16.50 -7.94 -8.39
C VAL C 163 14.99 -8.11 -8.34
N THR C 164 14.47 -8.54 -7.20
CA THR C 164 13.04 -8.63 -7.03
C THR C 164 12.43 -7.24 -6.85
N GLU C 165 11.14 -7.14 -7.15
CA GLU C 165 10.35 -5.98 -6.76
C GLU C 165 10.30 -5.87 -5.24
N GLN C 166 10.04 -4.66 -4.76
CA GLN C 166 10.00 -4.40 -3.34
C GLN C 166 8.95 -5.30 -2.66
N ASP C 167 9.39 -6.00 -1.62
CA ASP C 167 8.54 -7.00 -0.99
C ASP C 167 7.27 -6.38 -0.42
N SER C 168 6.15 -7.08 -0.64
CA SER C 168 4.84 -6.60 -0.23
C SER C 168 4.62 -6.68 1.28
N LYS C 169 5.49 -7.36 2.02
CA LYS C 169 5.37 -7.45 3.47
C LYS C 169 6.38 -6.60 4.23
N ASP C 170 7.68 -6.67 3.89
CA ASP C 170 8.69 -5.93 4.66
C ASP C 170 9.43 -4.89 3.81
N SER C 171 9.00 -4.66 2.57
CA SER C 171 9.53 -3.60 1.70
C SER C 171 11.03 -3.75 1.44
N THR C 172 11.55 -4.97 1.46
CA THR C 172 12.95 -5.19 1.11
C THR C 172 13.06 -5.64 -0.34
N TYR C 173 14.30 -5.65 -0.81
CA TYR C 173 14.67 -6.21 -2.09
C TYR C 173 15.53 -7.45 -1.86
N SER C 174 15.56 -8.32 -2.87
CA SER C 174 16.48 -9.43 -2.90
C SER C 174 17.16 -9.45 -4.25
N LEU C 175 18.39 -9.97 -4.26
CA LEU C 175 19.23 -9.94 -5.44
C LEU C 175 19.98 -11.27 -5.56
N SER C 176 20.05 -11.76 -6.79
CA SER C 176 20.85 -12.92 -7.14
C SER C 176 21.90 -12.47 -8.12
N SER C 177 23.15 -12.84 -7.87
CA SER C 177 24.25 -12.64 -8.79
C SER C 177 24.70 -14.02 -9.26
N THR C 178 24.73 -14.24 -10.56
CA THR C 178 25.08 -15.54 -11.13
C THR C 178 26.36 -15.42 -11.93
N LEU C 179 27.42 -16.07 -11.48
CA LEU C 179 28.67 -16.12 -12.20
C LEU C 179 28.70 -17.41 -13.03
N THR C 180 28.84 -17.26 -14.34
CA THR C 180 28.82 -18.40 -15.27
C THR C 180 30.21 -18.62 -15.84
N LEU C 181 30.70 -19.85 -15.76
CA LEU C 181 32.01 -20.24 -16.27
C LEU C 181 31.93 -21.59 -16.97
N SER C 182 32.95 -21.88 -17.77
CA SER C 182 33.10 -23.19 -18.37
C SER C 182 33.63 -24.18 -17.33
N LYS C 183 33.53 -25.48 -17.67
CA LYS C 183 34.11 -26.52 -16.83
C LYS C 183 35.61 -26.28 -16.62
N ALA C 184 36.33 -26.04 -17.72
CA ALA C 184 37.78 -25.87 -17.63
C ALA C 184 38.16 -24.72 -16.72
N ASP C 185 37.57 -23.54 -16.94
CA ASP C 185 37.89 -22.38 -16.11
C ASP C 185 37.51 -22.61 -14.64
N TYR C 186 36.40 -23.32 -14.39
CA TYR C 186 35.99 -23.54 -13.01
C TYR C 186 36.91 -24.53 -12.29
N GLU C 187 37.35 -25.59 -12.99
CA GLU C 187 38.21 -26.59 -12.37
C GLU C 187 39.64 -26.10 -12.17
N LYS C 188 40.05 -25.03 -12.86
CA LYS C 188 41.41 -24.52 -12.68
C LYS C 188 41.61 -23.84 -11.33
N HIS C 189 40.54 -23.40 -10.68
CA HIS C 189 40.65 -22.62 -9.44
C HIS C 189 39.92 -23.32 -8.31
N LYS C 190 40.21 -22.87 -7.09
CA LYS C 190 39.71 -23.54 -5.89
C LYS C 190 38.76 -22.66 -5.09
N VAL C 191 39.18 -21.45 -4.76
CA VAL C 191 38.44 -20.57 -3.85
C VAL C 191 37.54 -19.65 -4.66
N TYR C 192 36.24 -19.70 -4.38
CA TYR C 192 35.24 -18.85 -5.03
C TYR C 192 34.56 -18.01 -3.97
N ALA C 193 34.72 -16.69 -4.06
CA ALA C 193 34.25 -15.76 -3.04
C ALA C 193 33.30 -14.74 -3.64
N CYS C 194 32.24 -14.42 -2.89
CA CYS C 194 31.29 -13.39 -3.25
C CYS C 194 31.37 -12.26 -2.23
N GLU C 195 31.79 -11.07 -2.66
CA GLU C 195 31.97 -9.94 -1.75
C GLU C 195 30.80 -8.98 -1.89
N VAL C 196 30.16 -8.68 -0.76
CA VAL C 196 28.93 -7.89 -0.73
C VAL C 196 29.18 -6.64 0.10
N THR C 197 28.82 -5.49 -0.46
CA THR C 197 28.83 -4.22 0.25
C THR C 197 27.43 -3.61 0.20
N HIS C 198 26.94 -3.19 1.36
CA HIS C 198 25.61 -2.62 1.47
C HIS C 198 25.60 -1.62 2.63
N GLN C 199 24.77 -0.59 2.49
CA GLN C 199 24.71 0.48 3.48
C GLN C 199 24.44 -0.06 4.89
N GLY C 200 23.71 -1.16 5.00
CA GLY C 200 23.42 -1.74 6.30
C GLY C 200 24.45 -2.67 6.88
N LEU C 201 25.57 -2.86 6.19
CA LEU C 201 26.62 -3.77 6.65
C LEU C 201 27.73 -2.95 7.29
N SER C 202 27.99 -3.23 8.57
CA SER C 202 29.07 -2.52 9.27
C SER C 202 30.40 -2.70 8.54
N SER C 203 30.59 -3.85 7.92
CA SER C 203 31.75 -4.15 7.11
C SER C 203 31.31 -5.01 5.92
N PRO C 204 32.05 -4.97 4.81
CA PRO C 204 31.73 -5.85 3.69
C PRO C 204 31.76 -7.31 4.12
N VAL C 205 30.78 -8.07 3.63
CA VAL C 205 30.62 -9.48 4.00
C VAL C 205 31.05 -10.34 2.82
N THR C 206 31.88 -11.35 3.10
CA THR C 206 32.35 -12.29 2.10
C THR C 206 31.93 -13.69 2.51
N LYS C 207 31.30 -14.40 1.58
CA LYS C 207 30.99 -15.81 1.71
C LYS C 207 31.66 -16.56 0.57
N SER C 208 32.47 -17.57 0.90
CA SER C 208 33.29 -18.25 -0.09
C SER C 208 33.20 -19.75 0.13
N PHE C 209 33.71 -20.51 -0.84
CA PHE C 209 33.83 -21.95 -0.70
C PHE C 209 35.09 -22.41 -1.42
N ASN C 210 35.52 -23.63 -1.09
CA ASN C 210 36.66 -24.27 -1.73
C ASN C 210 36.14 -25.37 -2.63
N ARG C 211 36.63 -25.43 -3.87
CA ARG C 211 36.08 -26.38 -4.82
C ARG C 211 36.22 -27.81 -4.32
N GLY C 212 37.40 -28.14 -3.79
CA GLY C 212 37.66 -29.46 -3.25
C GLY C 212 36.83 -29.79 -2.02
N GLU D 1 -19.67 0.13 -18.44
CA GLU D 1 -18.25 0.41 -18.37
C GLU D 1 -17.56 0.38 -19.74
N VAL D 2 -16.93 1.49 -20.11
CA VAL D 2 -16.14 1.52 -21.32
C VAL D 2 -14.93 0.61 -21.16
N GLN D 3 -14.60 -0.17 -22.19
CA GLN D 3 -13.45 -1.05 -22.12
C GLN D 3 -12.85 -1.28 -23.50
N LEU D 4 -11.60 -1.75 -23.50
CA LEU D 4 -10.82 -2.10 -24.68
C LEU D 4 -10.21 -3.48 -24.46
N VAL D 5 -10.10 -4.27 -25.53
CA VAL D 5 -9.56 -5.63 -25.42
C VAL D 5 -8.60 -5.89 -26.58
N GLU D 6 -7.33 -6.19 -26.28
CA GLU D 6 -6.33 -6.50 -27.30
C GLU D 6 -6.23 -8.01 -27.53
N SER D 7 -5.77 -8.36 -28.73
CA SER D 7 -5.56 -9.76 -29.10
C SER D 7 -4.66 -9.80 -30.33
N GLY D 8 -4.13 -10.98 -30.62
CA GLY D 8 -3.28 -11.18 -31.79
C GLY D 8 -1.80 -11.31 -31.48
N GLY D 9 -1.36 -10.99 -30.26
CA GLY D 9 0.04 -11.13 -29.91
C GLY D 9 0.50 -12.57 -29.97
N GLY D 10 1.80 -12.76 -30.16
CA GLY D 10 2.35 -14.10 -30.26
C GLY D 10 3.86 -14.09 -30.39
N LEU D 11 4.40 -15.29 -30.54
CA LEU D 11 5.84 -15.52 -30.68
C LEU D 11 6.19 -15.66 -32.16
N VAL D 12 7.18 -14.88 -32.61
CA VAL D 12 7.54 -14.81 -34.03
C VAL D 12 9.05 -14.63 -34.17
N LYS D 13 9.58 -15.09 -35.30
CA LYS D 13 10.98 -14.92 -35.64
C LYS D 13 11.24 -13.52 -36.22
N PRO D 14 12.49 -13.03 -36.14
CA PRO D 14 12.80 -11.71 -36.72
C PRO D 14 12.44 -11.68 -38.19
N GLY D 15 11.82 -10.56 -38.61
CA GLY D 15 11.35 -10.44 -39.97
C GLY D 15 9.97 -11.00 -40.22
N GLY D 16 9.37 -11.69 -39.25
CA GLY D 16 8.01 -12.17 -39.39
C GLY D 16 6.98 -11.07 -39.22
N SER D 17 5.70 -11.47 -39.32
CA SER D 17 4.57 -10.55 -39.29
C SER D 17 3.54 -10.96 -38.25
N LEU D 18 2.69 -9.99 -37.90
CA LEU D 18 1.69 -10.20 -36.87
C LEU D 18 0.65 -9.08 -36.99
N ARG D 19 -0.62 -9.41 -36.75
CA ARG D 19 -1.70 -8.44 -36.81
C ARG D 19 -2.40 -8.38 -35.45
N LEU D 20 -2.47 -7.19 -34.87
CA LEU D 20 -3.13 -6.97 -33.60
C LEU D 20 -4.52 -6.36 -33.79
N ALA D 21 -5.43 -6.72 -32.90
CA ALA D 21 -6.78 -6.16 -32.90
C ALA D 21 -7.11 -5.60 -31.54
N CYS D 22 -7.93 -4.55 -31.54
CA CYS D 22 -8.35 -3.89 -30.30
C CYS D 22 -9.83 -3.56 -30.41
N VAL D 23 -10.65 -4.19 -29.57
CA VAL D 23 -12.11 -4.08 -29.64
C VAL D 23 -12.60 -3.20 -28.49
N GLY D 24 -13.31 -2.13 -28.82
CA GLY D 24 -13.88 -1.24 -27.83
C GLY D 24 -15.37 -1.43 -27.59
N SER D 25 -15.84 -0.88 -26.47
CA SER D 25 -17.26 -0.99 -26.14
C SER D 25 -17.67 0.18 -25.27
N GLU D 26 -18.90 0.64 -25.49
CA GLU D 26 -19.54 1.73 -24.74
C GLU D 26 -18.95 3.09 -25.06
N PHE D 27 -18.51 3.30 -26.29
CA PHE D 27 -18.19 4.63 -26.78
C PHE D 27 -18.32 4.66 -28.29
N THR D 28 -18.56 5.86 -28.81
CA THR D 28 -18.71 6.08 -30.25
C THR D 28 -17.35 5.95 -30.91
N PHE D 29 -17.07 4.78 -31.48
CA PHE D 29 -15.74 4.49 -31.99
C PHE D 29 -15.32 5.48 -33.10
N SER D 30 -16.26 5.95 -33.92
CA SER D 30 -15.89 6.86 -35.01
C SER D 30 -15.36 8.19 -34.49
N GLU D 31 -15.63 8.55 -33.23
CA GLU D 31 -15.15 9.81 -32.68
C GLU D 31 -13.95 9.64 -31.77
N ALA D 32 -13.44 8.43 -31.63
CA ALA D 32 -12.35 8.16 -30.69
C ALA D 32 -10.99 8.28 -31.36
N TRP D 33 -10.08 8.97 -30.66
CA TRP D 33 -8.68 9.08 -31.05
C TRP D 33 -7.97 7.88 -30.45
N MET D 34 -7.67 6.88 -31.28
CA MET D 34 -7.15 5.61 -30.83
C MET D 34 -5.63 5.56 -30.90
N THR D 35 -5.01 4.96 -29.89
CA THR D 35 -3.56 4.97 -29.75
C THR D 35 -3.03 3.58 -29.42
N TRP D 36 -1.88 3.24 -30.01
CA TRP D 36 -1.12 2.05 -29.68
C TRP D 36 0.11 2.45 -28.86
N VAL D 37 0.27 1.79 -27.71
N VAL D 37 0.33 1.76 -27.74
CA VAL D 37 1.40 1.99 -26.81
CA VAL D 37 1.46 2.05 -26.86
C VAL D 37 2.00 0.62 -26.53
C VAL D 37 1.98 0.73 -26.31
N ARG D 38 3.31 0.57 -26.30
CA ARG D 38 3.96 -0.68 -25.98
C ARG D 38 4.94 -0.50 -24.84
N GLN D 39 5.32 -1.64 -24.25
CA GLN D 39 6.22 -1.63 -23.11
C GLN D 39 7.10 -2.86 -23.20
N ALA D 40 8.39 -2.65 -23.43
CA ALA D 40 9.36 -3.73 -23.42
C ALA D 40 9.56 -4.23 -22.00
N PRO D 41 10.00 -5.48 -21.82
CA PRO D 41 10.15 -6.04 -20.47
C PRO D 41 11.04 -5.18 -19.59
N GLY D 42 10.49 -4.76 -18.45
CA GLY D 42 11.24 -3.97 -17.48
C GLY D 42 11.57 -2.56 -17.91
N LYS D 43 10.94 -2.05 -18.96
CA LYS D 43 11.22 -0.73 -19.51
C LYS D 43 9.95 0.13 -19.44
N GLY D 44 10.06 1.36 -19.95
CA GLY D 44 8.99 2.32 -19.86
C GLY D 44 7.97 2.19 -21.00
N LEU D 45 6.98 3.06 -20.95
CA LEU D 45 5.94 3.08 -21.98
C LEU D 45 6.47 3.78 -23.21
N GLU D 46 6.26 3.19 -24.39
CA GLU D 46 6.70 3.77 -25.64
C GLU D 46 5.49 3.91 -26.55
N TRP D 47 5.22 5.14 -26.97
CA TRP D 47 4.15 5.41 -27.91
C TRP D 47 4.48 4.80 -29.27
N VAL D 48 3.55 4.05 -29.83
CA VAL D 48 3.75 3.40 -31.12
C VAL D 48 3.17 4.19 -32.27
N GLY D 49 1.96 4.74 -32.09
CA GLY D 49 1.29 5.47 -33.14
C GLY D 49 -0.18 5.61 -32.82
N HIS D 50 -0.86 6.45 -33.59
CA HIS D 50 -2.27 6.68 -33.32
C HIS D 50 -3.01 6.95 -34.63
N MET D 51 -4.34 6.98 -34.52
CA MET D 51 -5.21 7.36 -35.62
C MET D 51 -6.28 8.31 -35.09
N ARG D 52 -6.36 9.49 -35.69
CA ARG D 52 -7.34 10.48 -35.30
C ARG D 52 -8.76 9.95 -35.49
N PRO D 53 -9.74 10.57 -34.83
CA PRO D 53 -11.13 10.15 -35.04
C PRO D 53 -11.50 10.21 -36.51
N THR D 54 -12.34 9.26 -36.92
CA THR D 54 -12.86 9.29 -38.27
C THR D 54 -13.53 10.63 -38.58
N THR D 55 -14.24 11.18 -37.59
CA THR D 55 -14.96 12.44 -37.75
C THR D 55 -14.03 13.65 -37.93
N GLU D 56 -12.73 13.48 -37.61
CA GLU D 56 -11.72 14.51 -37.80
C GLU D 56 -10.81 14.22 -38.98
N GLY D 57 -11.09 13.17 -39.77
CA GLY D 57 -10.30 12.84 -40.94
C GLY D 57 -9.47 11.57 -40.82
N GLY D 58 -9.28 11.05 -39.60
CA GLY D 58 -8.58 9.79 -39.42
C GLY D 58 -7.09 9.82 -39.75
N ALA D 59 -6.43 10.95 -39.59
CA ALA D 59 -5.01 11.02 -39.89
C ALA D 59 -4.22 10.10 -38.96
N LYS D 60 -3.20 9.46 -39.51
CA LYS D 60 -2.38 8.53 -38.76
C LYS D 60 -1.00 9.10 -38.51
N ASP D 61 -0.38 8.62 -37.43
CA ASP D 61 0.98 9.00 -37.11
C ASP D 61 1.67 7.79 -36.48
N TYR D 62 2.99 7.75 -36.61
CA TYR D 62 3.76 6.59 -36.17
C TYR D 62 5.08 7.04 -35.55
N ALA D 63 5.56 6.24 -34.61
CA ALA D 63 6.91 6.42 -34.11
C ALA D 63 7.93 6.11 -35.20
N ALA D 64 9.05 6.85 -35.19
CA ALA D 64 10.05 6.67 -36.23
C ALA D 64 10.55 5.22 -36.30
N ALA D 65 10.58 4.52 -35.17
CA ALA D 65 11.08 3.15 -35.13
C ALA D 65 10.16 2.16 -35.83
N VAL D 66 8.87 2.48 -35.98
CA VAL D 66 7.92 1.54 -36.57
C VAL D 66 7.36 2.02 -37.91
N ARG D 67 7.57 3.28 -38.28
CA ARG D 67 7.08 3.80 -39.55
C ARG D 67 7.49 2.91 -40.73
N GLY D 68 6.56 2.71 -41.66
CA GLY D 68 6.78 1.85 -42.81
C GLY D 68 6.67 0.36 -42.54
N ARG D 69 6.80 -0.08 -41.29
CA ARG D 69 6.64 -1.49 -40.95
C ARG D 69 5.31 -1.77 -40.27
N PHE D 70 4.83 -0.83 -39.45
CA PHE D 70 3.55 -0.99 -38.76
C PHE D 70 2.50 -0.13 -39.46
N THR D 71 1.29 -0.68 -39.57
CA THR D 71 0.17 0.04 -40.19
C THR D 71 -1.06 -0.08 -39.30
N ILE D 72 -1.73 1.05 -39.08
CA ILE D 72 -2.94 1.12 -38.27
C ILE D 72 -4.14 1.17 -39.20
N ALA D 73 -5.16 0.36 -38.89
CA ALA D 73 -6.42 0.34 -39.62
C ALA D 73 -7.56 0.43 -38.62
N ARG D 74 -8.77 0.58 -39.14
CA ARG D 74 -9.92 0.94 -38.32
C ARG D 74 -11.19 0.40 -38.95
N ASP D 75 -12.07 -0.18 -38.13
CA ASP D 75 -13.40 -0.59 -38.56
C ASP D 75 -14.37 -0.09 -37.50
N ASP D 76 -14.91 1.12 -37.72
CA ASP D 76 -15.81 1.75 -36.75
C ASP D 76 -17.05 0.91 -36.52
N SER D 77 -17.56 0.26 -37.58
CA SER D 77 -18.80 -0.49 -37.43
C SER D 77 -18.64 -1.62 -36.43
N LYS D 78 -17.43 -2.14 -36.28
CA LYS D 78 -17.16 -3.21 -35.32
C LYS D 78 -16.41 -2.74 -34.08
N SER D 79 -16.17 -1.44 -33.94
CA SER D 79 -15.45 -0.89 -32.79
C SER D 79 -14.07 -1.54 -32.64
N THR D 80 -13.42 -1.80 -33.78
CA THR D 80 -12.16 -2.54 -33.80
C THR D 80 -11.06 -1.68 -34.40
N LEU D 81 -9.91 -1.64 -33.73
CA LEU D 81 -8.70 -1.00 -34.21
C LEU D 81 -7.68 -2.10 -34.53
N TYR D 82 -6.89 -1.88 -35.58
CA TYR D 82 -5.92 -2.87 -36.01
C TYR D 82 -4.51 -2.28 -36.00
N LEU D 83 -3.53 -3.18 -35.84
CA LEU D 83 -2.11 -2.86 -35.97
C LEU D 83 -1.47 -4.00 -36.76
N GLN D 84 -1.21 -3.76 -38.04
CA GLN D 84 -0.47 -4.68 -38.87
C GLN D 84 1.02 -4.46 -38.63
N MET D 85 1.72 -5.49 -38.14
CA MET D 85 3.14 -5.39 -37.82
C MET D 85 3.94 -6.26 -38.78
N ASN D 86 4.69 -5.63 -39.68
CA ASN D 86 5.57 -6.34 -40.61
C ASN D 86 7.04 -6.12 -40.26
N SER D 87 7.87 -7.00 -40.79
CA SER D 87 9.33 -6.91 -40.63
C SER D 87 9.73 -6.75 -39.17
N LEU D 88 9.19 -7.62 -38.33
CA LEU D 88 9.38 -7.48 -36.89
C LEU D 88 10.85 -7.61 -36.54
N LYS D 89 11.27 -6.83 -35.54
CA LYS D 89 12.61 -6.86 -34.99
C LYS D 89 12.53 -7.30 -33.53
N ILE D 90 13.67 -7.72 -32.98
CA ILE D 90 13.66 -8.20 -31.60
C ILE D 90 13.32 -7.06 -30.64
N GLU D 91 13.70 -5.81 -30.97
CA GLU D 91 13.38 -4.68 -30.11
C GLU D 91 11.90 -4.28 -30.19
N ASP D 92 11.11 -4.94 -31.04
CA ASP D 92 9.65 -4.81 -30.97
C ASP D 92 9.05 -5.65 -29.83
N THR D 93 9.85 -6.46 -29.15
CA THR D 93 9.31 -7.32 -28.10
C THR D 93 8.73 -6.47 -26.96
N GLY D 94 7.58 -6.91 -26.45
CA GLY D 94 6.97 -6.23 -25.33
C GLY D 94 5.46 -6.42 -25.35
N VAL D 95 4.81 -5.80 -24.38
CA VAL D 95 3.35 -5.79 -24.27
C VAL D 95 2.81 -4.61 -25.06
N TYR D 96 1.79 -4.86 -25.87
CA TYR D 96 1.18 -3.83 -26.70
C TYR D 96 -0.20 -3.50 -26.14
N TYR D 97 -0.43 -2.21 -25.89
CA TYR D 97 -1.67 -1.71 -25.33
C TYR D 97 -2.43 -0.91 -26.36
N CYS D 98 -3.75 -1.04 -26.26
CA CYS D 98 -4.70 -0.19 -26.94
C CYS D 98 -5.19 0.85 -25.94
N MET D 99 -5.35 2.09 -26.39
CA MET D 99 -5.66 3.17 -25.45
C MET D 99 -6.45 4.27 -26.14
N THR D 100 -7.32 4.93 -25.38
CA THR D 100 -8.01 6.11 -25.88
C THR D 100 -8.57 6.91 -24.72
N GLY D 101 -8.90 8.18 -25.00
CA GLY D 101 -9.65 9.00 -24.09
C GLY D 101 -10.97 9.43 -24.70
N VAL D 102 -12.09 9.13 -24.04
CA VAL D 102 -13.41 9.34 -24.60
C VAL D 102 -14.30 9.97 -23.54
N GLU D 103 -15.37 10.60 -24.02
CA GLU D 103 -16.31 11.27 -23.15
C GLU D 103 -17.39 10.30 -22.67
N ARG D 104 -17.88 10.57 -21.47
CA ARG D 104 -18.93 9.79 -20.82
C ARG D 104 -19.91 10.79 -20.20
N GLY D 105 -21.19 10.45 -20.24
CA GLY D 105 -22.23 11.35 -19.78
C GLY D 105 -22.56 11.14 -18.31
N ASP D 106 -22.68 12.26 -17.59
CA ASP D 106 -23.00 12.26 -16.17
C ASP D 106 -24.26 13.10 -15.99
N PHE D 107 -25.31 12.51 -15.43
CA PHE D 107 -26.59 13.18 -15.28
C PHE D 107 -26.90 13.28 -13.80
N TRP D 108 -27.26 14.48 -13.34
CA TRP D 108 -27.70 14.61 -11.97
C TRP D 108 -28.71 15.74 -11.87
N SER D 109 -29.47 15.71 -10.79
CA SER D 109 -30.47 16.72 -10.54
C SER D 109 -30.52 16.99 -9.04
N ASP D 110 -30.94 18.20 -8.70
CA ASP D 110 -31.25 18.55 -7.32
C ASP D 110 -32.75 18.87 -7.28
N ASP D 111 -33.19 19.45 -6.16
CA ASP D 111 -34.57 19.90 -6.08
C ASP D 111 -34.84 21.04 -7.06
N SER D 113 -32.81 21.98 -10.30
CA SER D 113 -32.56 21.81 -11.74
C SER D 113 -32.03 20.42 -12.12
N GLN D 114 -31.84 20.23 -13.43
CA GLN D 114 -31.38 18.98 -14.03
C GLN D 114 -30.08 19.28 -14.78
N HIS D 115 -29.02 18.55 -14.46
CA HIS D 115 -27.69 18.88 -14.97
C HIS D 115 -27.14 17.73 -15.79
N TYR D 116 -26.62 18.06 -16.96
CA TYR D 116 -25.89 17.11 -17.77
C TYR D 116 -24.45 17.57 -17.94
N ASN D 117 -23.54 16.61 -17.94
CA ASN D 117 -22.11 16.87 -18.06
C ASN D 117 -21.44 15.68 -18.71
N THR D 118 -20.37 15.95 -19.42
CA THR D 118 -19.49 14.91 -19.91
C THR D 118 -18.16 15.03 -19.19
N TYR D 119 -17.50 13.88 -19.04
CA TYR D 119 -16.19 13.84 -18.43
C TYR D 119 -15.34 12.86 -19.22
N LEU D 120 -14.02 13.00 -19.08
CA LEU D 120 -13.08 12.16 -19.80
C LEU D 120 -12.89 10.84 -19.06
N ILE D 121 -12.82 9.75 -19.83
CA ILE D 121 -12.42 8.45 -19.33
C ILE D 121 -11.25 8.01 -20.18
N ASP D 122 -10.06 7.97 -19.58
CA ASP D 122 -8.85 7.46 -20.21
C ASP D 122 -8.83 5.96 -19.93
N VAL D 123 -8.95 5.16 -20.98
CA VAL D 123 -9.13 3.72 -20.83
C VAL D 123 -8.05 2.98 -21.60
N TRP D 124 -7.59 1.87 -21.03
CA TRP D 124 -6.54 1.01 -21.58
C TRP D 124 -7.03 -0.43 -21.57
N GLY D 125 -6.56 -1.23 -22.54
CA GLY D 125 -6.76 -2.65 -22.46
C GLY D 125 -5.73 -3.32 -21.55
N LYS D 126 -5.92 -4.61 -21.30
CA LYS D 126 -4.96 -5.33 -20.48
C LYS D 126 -3.68 -5.65 -21.23
N GLY D 127 -3.68 -5.50 -22.55
CA GLY D 127 -2.49 -5.72 -23.33
C GLY D 127 -2.45 -7.11 -23.94
N THR D 128 -1.66 -7.24 -25.01
CA THR D 128 -1.32 -8.51 -25.61
C THR D 128 0.18 -8.51 -25.85
N THR D 129 0.80 -9.68 -25.70
CA THR D 129 2.27 -9.81 -25.68
C THR D 129 2.82 -10.22 -27.04
N VAL D 130 3.83 -9.48 -27.51
CA VAL D 130 4.54 -9.76 -28.77
C VAL D 130 5.99 -10.10 -28.46
N THR D 131 6.42 -11.31 -28.84
CA THR D 131 7.79 -11.76 -28.61
C THR D 131 8.44 -12.03 -29.97
N VAL D 132 9.49 -11.27 -30.28
CA VAL D 132 10.25 -11.43 -31.51
C VAL D 132 11.65 -11.92 -31.13
N SER D 133 12.00 -13.12 -31.59
CA SER D 133 13.31 -13.67 -31.26
C SER D 133 13.65 -14.76 -32.27
N SER D 134 14.95 -14.95 -32.49
CA SER D 134 15.38 -16.03 -33.35
C SER D 134 15.60 -17.33 -32.60
N ALA D 135 15.33 -17.38 -31.30
CA ALA D 135 15.44 -18.60 -30.52
C ALA D 135 14.21 -19.48 -30.70
N SER D 136 14.39 -20.78 -30.48
CA SER D 136 13.29 -21.73 -30.58
C SER D 136 12.85 -22.21 -29.20
N THR D 137 11.59 -22.60 -29.11
CA THR D 137 11.01 -23.01 -27.85
C THR D 137 11.77 -24.17 -27.25
N LYS D 138 12.10 -24.07 -25.96
CA LYS D 138 12.94 -25.06 -25.31
C LYS D 138 12.70 -25.02 -23.81
N GLY D 139 12.54 -26.21 -23.22
CA GLY D 139 12.39 -26.34 -21.80
C GLY D 139 13.70 -26.16 -21.06
N PRO D 140 13.61 -25.81 -19.78
CA PRO D 140 14.82 -25.53 -18.99
C PRO D 140 15.44 -26.79 -18.41
N SER D 141 16.72 -26.68 -18.07
CA SER D 141 17.38 -27.63 -17.17
C SER D 141 17.36 -27.03 -15.78
N VAL D 142 17.04 -27.84 -14.78
CA VAL D 142 16.85 -27.40 -13.39
C VAL D 142 17.96 -27.98 -12.52
N PHE D 143 18.76 -27.09 -11.92
CA PHE D 143 19.88 -27.52 -11.07
C PHE D 143 19.66 -27.10 -9.63
N PRO D 144 20.02 -27.95 -8.66
CA PRO D 144 19.82 -27.59 -7.26
C PRO D 144 20.84 -26.57 -6.81
N LEU D 145 20.38 -25.65 -5.96
CA LEU D 145 21.24 -24.72 -5.23
C LEU D 145 21.25 -25.21 -3.79
N ALA D 146 22.24 -26.06 -3.48
CA ALA D 146 22.28 -26.82 -2.25
C ALA D 146 22.84 -25.99 -1.11
N PRO D 147 22.30 -26.13 0.11
CA PRO D 147 22.78 -25.42 1.31
C PRO D 147 24.04 -26.05 1.91
N GLY D 155 21.49 -19.98 12.09
CA GLY D 155 20.20 -20.56 12.41
C GLY D 155 19.34 -20.81 11.18
N THR D 156 19.46 -19.93 10.19
CA THR D 156 18.66 -19.99 8.97
C THR D 156 19.50 -20.43 7.78
N ALA D 157 19.01 -21.40 7.02
CA ALA D 157 19.67 -21.89 5.83
C ALA D 157 18.91 -21.43 4.59
N ALA D 158 19.62 -21.43 3.46
CA ALA D 158 19.06 -21.06 2.16
C ALA D 158 19.33 -22.17 1.16
N LEU D 159 18.35 -22.46 0.32
CA LEU D 159 18.50 -23.43 -0.74
C LEU D 159 17.69 -22.96 -1.94
N GLY D 160 17.89 -23.60 -3.08
CA GLY D 160 17.15 -23.15 -4.24
C GLY D 160 17.34 -24.04 -5.45
N CYS D 161 16.78 -23.57 -6.57
CA CYS D 161 16.90 -24.23 -7.86
C CYS D 161 17.26 -23.20 -8.91
N LEU D 162 18.17 -23.57 -9.80
CA LEU D 162 18.59 -22.75 -10.92
C LEU D 162 17.90 -23.27 -12.19
N VAL D 163 17.04 -22.44 -12.78
CA VAL D 163 16.22 -22.78 -13.93
C VAL D 163 16.81 -22.12 -15.17
N LYS D 164 17.59 -22.89 -15.93
CA LYS D 164 18.53 -22.33 -16.90
C LYS D 164 18.18 -22.73 -18.32
N ASP D 165 18.32 -21.77 -19.24
CA ASP D 165 18.27 -22.01 -20.68
C ASP D 165 16.91 -22.50 -21.16
N TYR D 166 15.88 -21.67 -21.00
CA TYR D 166 14.56 -21.97 -21.51
C TYR D 166 14.10 -20.84 -22.42
N PHE D 167 13.11 -21.12 -23.27
CA PHE D 167 12.54 -20.09 -24.13
C PHE D 167 11.20 -20.56 -24.66
N PRO D 168 10.19 -19.68 -24.74
CA PRO D 168 10.18 -18.29 -24.24
C PRO D 168 9.68 -18.19 -22.80
N GLU D 169 9.48 -16.97 -22.33
CA GLU D 169 8.78 -16.75 -21.07
C GLU D 169 7.35 -17.27 -21.21
N PRO D 170 6.69 -17.61 -20.08
CA PRO D 170 7.22 -17.60 -18.72
C PRO D 170 7.48 -19.00 -18.17
N VAL D 171 7.94 -19.05 -16.93
CA VAL D 171 8.11 -20.30 -16.20
C VAL D 171 7.56 -20.07 -14.80
N THR D 172 6.92 -21.09 -14.22
CA THR D 172 6.43 -21.01 -12.85
C THR D 172 7.26 -21.96 -11.99
N VAL D 173 7.56 -21.52 -10.76
CA VAL D 173 8.28 -22.34 -9.80
C VAL D 173 7.49 -22.37 -8.50
N SER D 174 7.23 -23.57 -8.01
CA SER D 174 6.64 -23.74 -6.70
C SER D 174 7.55 -24.64 -5.87
N TRP D 175 7.33 -24.62 -4.56
CA TRP D 175 8.12 -25.42 -3.64
C TRP D 175 7.19 -26.36 -2.90
N ASN D 176 7.52 -27.66 -2.89
CA ASN D 176 6.73 -28.69 -2.22
C ASN D 176 5.26 -28.64 -2.65
N SER D 177 5.05 -28.51 -3.95
CA SER D 177 3.71 -28.49 -4.53
C SER D 177 2.86 -27.37 -3.94
N GLY D 178 3.49 -26.23 -3.63
CA GLY D 178 2.76 -25.09 -3.11
C GLY D 178 2.58 -25.07 -1.60
N ALA D 179 3.05 -26.09 -0.88
CA ALA D 179 2.96 -26.09 0.58
C ALA D 179 3.95 -25.10 1.20
N LEU D 180 5.06 -24.80 0.52
CA LEU D 180 6.09 -23.90 1.03
C LEU D 180 6.04 -22.60 0.25
N THR D 181 5.57 -21.53 0.89
CA THR D 181 5.48 -20.23 0.23
C THR D 181 6.18 -19.11 0.98
N SER D 182 6.33 -19.22 2.29
CA SER D 182 7.02 -18.19 3.05
C SER D 182 8.52 -18.28 2.78
N GLY D 183 9.14 -17.11 2.63
CA GLY D 183 10.55 -17.05 2.36
C GLY D 183 10.98 -17.36 0.94
N VAL D 184 10.03 -17.50 0.01
CA VAL D 184 10.36 -17.83 -1.38
C VAL D 184 10.63 -16.54 -2.14
N HIS D 185 11.74 -16.53 -2.90
CA HIS D 185 12.02 -15.46 -3.85
C HIS D 185 12.31 -16.10 -5.20
N THR D 186 11.39 -15.94 -6.15
CA THR D 186 11.59 -16.38 -7.52
C THR D 186 11.97 -15.15 -8.34
N PHE D 187 13.23 -15.06 -8.72
CA PHE D 187 13.73 -13.85 -9.32
C PHE D 187 13.19 -13.68 -10.74
N PRO D 188 13.12 -12.44 -11.21
CA PRO D 188 12.83 -12.21 -12.62
C PRO D 188 13.92 -12.82 -13.48
N ALA D 189 13.52 -13.43 -14.60
CA ALA D 189 14.48 -14.05 -15.48
C ALA D 189 15.40 -13.01 -16.11
N VAL D 190 16.58 -13.45 -16.50
CA VAL D 190 17.52 -12.65 -17.26
C VAL D 190 17.65 -13.28 -18.64
N LEU D 191 17.68 -12.43 -19.68
CA LEU D 191 17.89 -12.90 -21.03
C LEU D 191 19.39 -13.02 -21.26
N GLN D 192 19.84 -14.22 -21.59
CA GLN D 192 21.27 -14.46 -21.77
C GLN D 192 21.71 -14.13 -23.19
N SER D 193 23.05 -14.06 -23.36
CA SER D 193 23.60 -13.84 -24.69
C SER D 193 23.19 -14.92 -25.66
N SER D 194 22.84 -16.10 -25.17
CA SER D 194 22.39 -17.20 -26.01
C SER D 194 20.97 -16.99 -26.53
N GLY D 195 20.26 -15.96 -26.08
CA GLY D 195 18.87 -15.78 -26.42
C GLY D 195 17.91 -16.61 -25.61
N LEU D 196 18.42 -17.43 -24.68
CA LEU D 196 17.60 -18.20 -23.76
C LEU D 196 17.51 -17.48 -22.41
N TYR D 197 16.41 -17.70 -21.72
CA TYR D 197 16.20 -17.08 -20.41
C TYR D 197 16.78 -17.94 -19.30
N SER D 198 17.19 -17.29 -18.21
CA SER D 198 17.63 -18.02 -17.03
C SER D 198 17.11 -17.34 -15.77
N LEU D 199 16.81 -18.16 -14.78
CA LEU D 199 16.11 -17.70 -13.59
C LEU D 199 16.57 -18.55 -12.42
N SER D 200 16.42 -18.00 -11.22
CA SER D 200 16.75 -18.73 -10.01
C SER D 200 15.64 -18.52 -9.00
N SER D 201 15.30 -19.60 -8.28
CA SER D 201 14.30 -19.58 -7.23
C SER D 201 14.92 -20.12 -5.94
N VAL D 202 14.91 -19.30 -4.89
CA VAL D 202 15.56 -19.61 -3.63
C VAL D 202 14.53 -19.51 -2.52
N VAL D 203 14.83 -20.17 -1.39
CA VAL D 203 13.98 -20.08 -0.20
C VAL D 203 14.88 -20.23 1.03
N THR D 204 14.58 -19.45 2.07
CA THR D 204 15.30 -19.54 3.34
C THR D 204 14.46 -20.32 4.33
N VAL D 205 15.10 -21.25 5.04
CA VAL D 205 14.40 -22.12 5.99
C VAL D 205 15.27 -22.29 7.22
N PRO D 206 14.67 -22.71 8.34
CA PRO D 206 15.47 -23.02 9.53
C PRO D 206 16.48 -24.12 9.24
N SER D 207 17.71 -23.91 9.74
CA SER D 207 18.74 -24.93 9.55
C SER D 207 18.36 -26.23 10.23
N SER D 208 17.54 -26.16 11.29
CA SER D 208 17.10 -27.34 12.01
C SER D 208 16.33 -28.30 11.12
N SER D 209 15.72 -27.79 10.05
CA SER D 209 14.89 -28.59 9.17
C SER D 209 15.66 -29.30 8.06
N LEU D 210 16.95 -28.98 7.87
CA LEU D 210 17.68 -29.51 6.73
C LEU D 210 17.76 -31.03 6.76
N GLY D 211 17.81 -31.63 7.93
CA GLY D 211 17.80 -33.09 8.02
C GLY D 211 16.40 -33.65 8.18
N THR D 212 15.49 -32.81 8.67
CA THR D 212 14.11 -33.19 8.94
C THR D 212 13.23 -33.08 7.70
N GLN D 213 13.17 -31.90 7.11
CA GLN D 213 12.26 -31.61 6.02
C GLN D 213 12.95 -31.76 4.67
N THR D 214 12.23 -32.32 3.70
CA THR D 214 12.70 -32.40 2.32
C THR D 214 12.09 -31.28 1.49
N TYR D 215 12.89 -30.72 0.58
CA TYR D 215 12.50 -29.56 -0.22
C TYR D 215 12.57 -29.88 -1.70
N ILE D 216 11.44 -29.76 -2.39
CA ILE D 216 11.32 -29.98 -3.84
C ILE D 216 10.86 -28.70 -4.49
N CYS D 217 11.59 -28.27 -5.53
CA CYS D 217 11.13 -27.20 -6.40
C CYS D 217 10.41 -27.81 -7.60
N ASN D 218 9.22 -27.28 -7.92
CA ASN D 218 8.38 -27.74 -9.02
C ASN D 218 8.42 -26.68 -10.12
N VAL D 219 8.97 -27.05 -11.28
CA VAL D 219 9.19 -26.11 -12.37
C VAL D 219 8.25 -26.44 -13.51
N ASN D 220 7.60 -25.43 -14.07
CA ASN D 220 6.64 -25.63 -15.14
C ASN D 220 6.92 -24.65 -16.28
N HIS D 221 7.18 -25.19 -17.47
CA HIS D 221 7.36 -24.38 -18.68
C HIS D 221 6.34 -24.87 -19.70
N LYS D 222 5.17 -24.23 -19.70
CA LYS D 222 4.08 -24.68 -20.55
C LYS D 222 4.37 -24.59 -22.04
N PRO D 223 5.05 -23.56 -22.56
CA PRO D 223 5.30 -23.53 -24.01
C PRO D 223 5.99 -24.77 -24.55
N SER D 224 6.80 -25.45 -23.74
CA SER D 224 7.49 -26.65 -24.18
C SER D 224 6.96 -27.91 -23.51
N ASN D 225 5.94 -27.79 -22.65
CA ASN D 225 5.35 -28.92 -21.95
C ASN D 225 6.34 -29.64 -21.03
N THR D 226 7.22 -28.88 -20.37
CA THR D 226 8.25 -29.49 -19.53
C THR D 226 7.88 -29.27 -18.07
N LYS D 227 7.86 -30.37 -17.31
CA LYS D 227 7.68 -30.34 -15.86
C LYS D 227 8.93 -30.93 -15.22
N VAL D 228 9.47 -30.26 -14.21
CA VAL D 228 10.66 -30.75 -13.51
C VAL D 228 10.44 -30.62 -12.02
N ASP D 229 10.61 -31.73 -11.29
CA ASP D 229 10.63 -31.76 -9.83
C ASP D 229 12.03 -32.13 -9.40
N LYS D 230 12.70 -31.24 -8.67
CA LYS D 230 14.09 -31.42 -8.25
C LYS D 230 14.17 -31.44 -6.73
N ARG D 231 14.71 -32.53 -6.18
CA ARG D 231 14.97 -32.63 -4.74
C ARG D 231 16.33 -31.99 -4.45
N VAL D 232 16.33 -31.00 -3.56
CA VAL D 232 17.53 -30.23 -3.19
C VAL D 232 18.00 -30.70 -1.82
N GLU D 233 19.18 -31.32 -1.76
CA GLU D 233 19.79 -31.85 -0.54
C GLU D 233 20.98 -31.00 -0.13
N PRO D 234 21.30 -30.95 1.17
CA PRO D 234 22.55 -30.35 1.65
C PRO D 234 23.80 -31.13 1.23
#